data_7R35
#
_entry.id   7R35
#
_cell.length_a   61.390
_cell.length_b   60.010
_cell.length_c   182.900
_cell.angle_alpha   90.000
_cell.angle_beta   90.600
_cell.angle_gamma   90.000
#
_symmetry.space_group_name_H-M   'P 1 21 1'
#
loop_
_entity.id
_entity.type
_entity.pdbx_description
1 polymer 'Fatty acid photodecarboxylase, chloroplastic'
2 non-polymer 'FLAVIN-ADENINE DINUCLEOTIDE'
3 non-polymer 'STEARIC ACID'
4 water water
#
_entity_poly.entity_id   1
_entity_poly.type   'polypeptide(L)'
_entity_poly.pdbx_seq_one_letter_code
;SSPVAQKYDYILVGGGTAACVLANRLSADGSKRVLVLEAGPDNTSRDVKIPAAITRLFRSPLDWNLFSELQEQLAERQIY
MARGRLLGGSSATNATLYHRGAAGDYDAWGVEGWSSEDVLSWFVQAETNADFGPGAYHGSGGPMRVENPRYTNKQLHTAF
FKAAEEVGLTPNSDFNDWSHDHAGYGTFQVMQDKGTRADMYRQYLKPVLGRRNLQVLTGAAVTKVNIDQAAGKAQALGVE
FSTDGPTGERLSAELAPGGEVIMCAGAVHTPFLLKHSGVGPSAELKEFGIPVVSNLAGVGQNLQDQPACLTAAPVKEKYD
GIAISDHIYNEKGQIRKRAIASYLLGGRGGLTSTGCDRGAFVRTAGQALPDLQVRFVPGMALDPDGVSTYVRFAKFQSQG
LKWPSGITMQLIACRPQSTGSVGLKSADPFAPPKLSPGYLTDKDGADLATLRKGIHWARDVARSSALSEYLDGELFPGSG
VVSDDQIDEYIRRSIHSSNAITGTCKMGNAGDSSSVVDNQLRVHGVEGLRVVDASVVPKIPGGQTGAPVVMIAERAAALL
TGKATIGASAAAPATVAA
;
_entity_poly.pdbx_strand_id   A,B
#
loop_
_chem_comp.id
_chem_comp.type
_chem_comp.name
_chem_comp.formula
FAD non-polymer 'FLAVIN-ADENINE DINUCLEOTIDE' 'C27 H33 N9 O15 P2'
STE non-polymer 'STEARIC ACID' 'C18 H36 O2'
#
# COMPACT_ATOMS: atom_id res chain seq x y z
N SER A 1 -3.50 -17.42 4.34
CA SER A 1 -3.44 -18.71 5.00
C SER A 1 -4.86 -19.28 5.14
N SER A 2 -5.82 -18.60 4.52
CA SER A 2 -7.22 -19.02 4.53
C SER A 2 -7.71 -19.28 3.11
N PRO A 3 -7.37 -18.45 2.11
CA PRO A 3 -7.52 -18.89 0.72
C PRO A 3 -6.19 -19.40 0.19
N VAL A 4 -5.93 -20.68 0.38
CA VAL A 4 -4.60 -21.27 0.16
C VAL A 4 -4.66 -22.11 -1.10
N ALA A 5 -4.10 -21.58 -2.19
CA ALA A 5 -4.16 -22.20 -3.52
C ALA A 5 -5.60 -22.43 -3.97
N GLN A 6 -6.50 -21.57 -3.52
CA GLN A 6 -7.91 -21.65 -3.83
C GLN A 6 -8.30 -20.47 -4.70
N LYS A 7 -9.02 -20.76 -5.78
CA LYS A 7 -9.45 -19.76 -6.74
C LYS A 7 -10.97 -19.67 -6.75
N TYR A 8 -11.50 -18.48 -6.52
CA TYR A 8 -12.92 -18.28 -6.26
C TYR A 8 -13.62 -17.69 -7.49
N ASP A 9 -14.84 -18.18 -7.74
CA ASP A 9 -15.65 -17.67 -8.86
C ASP A 9 -16.23 -16.30 -8.58
N TYR A 10 -16.39 -15.94 -7.31
CA TYR A 10 -16.91 -14.62 -6.93
C TYR A 10 -16.29 -14.31 -5.58
N ILE A 11 -15.37 -13.35 -5.54
CA ILE A 11 -14.91 -12.82 -4.28
C ILE A 11 -15.80 -11.62 -3.95
N LEU A 12 -16.29 -11.56 -2.71
CA LEU A 12 -17.15 -10.48 -2.23
C LEU A 12 -16.37 -9.67 -1.20
N VAL A 13 -16.08 -8.41 -1.54
CA VAL A 13 -15.52 -7.46 -0.60
C VAL A 13 -16.67 -6.86 0.20
N GLY A 14 -16.67 -7.11 1.50
CA GLY A 14 -17.70 -6.59 2.39
C GLY A 14 -18.71 -7.65 2.75
N GLY A 15 -19.10 -7.73 4.03
CA GLY A 15 -20.10 -8.72 4.41
C GLY A 15 -21.34 -8.09 4.99
N GLY A 16 -21.89 -7.09 4.30
CA GLY A 16 -23.03 -6.33 4.80
C GLY A 16 -24.35 -6.71 4.13
N THR A 17 -25.25 -5.72 4.04
CA THR A 17 -26.59 -5.87 3.49
C THR A 17 -26.62 -6.58 2.14
N ALA A 18 -26.17 -5.91 1.09
CA ALA A 18 -26.21 -6.50 -0.24
C ALA A 18 -25.35 -7.76 -0.32
N ALA A 19 -24.18 -7.75 0.30
CA ALA A 19 -23.28 -8.88 0.26
C ALA A 19 -23.92 -10.14 0.81
N CYS A 20 -24.73 -9.99 1.88
CA CYS A 20 -25.44 -11.10 2.48
C CYS A 20 -26.50 -11.65 1.53
N VAL A 21 -26.97 -10.84 0.59
CA VAL A 21 -27.98 -11.27 -0.38
C VAL A 21 -27.35 -12.08 -1.50
N LEU A 22 -26.23 -11.60 -2.04
CA LEU A 22 -25.63 -12.26 -3.19
C LEU A 22 -24.98 -13.58 -2.80
N ALA A 23 -24.25 -13.57 -1.68
CA ALA A 23 -23.69 -14.82 -1.16
C ALA A 23 -24.74 -15.91 -1.15
N ASN A 24 -25.95 -15.57 -0.72
CA ASN A 24 -27.04 -16.56 -0.69
C ASN A 24 -27.38 -17.03 -2.10
N ARG A 25 -27.69 -16.08 -3.00
CA ARG A 25 -28.14 -16.43 -4.33
C ARG A 25 -27.06 -17.10 -5.17
N LEU A 26 -25.79 -16.68 -5.02
CA LEU A 26 -24.75 -17.23 -5.90
C LEU A 26 -24.24 -18.57 -5.38
N SER A 27 -24.15 -18.73 -4.07
CA SER A 27 -23.84 -20.06 -3.51
C SER A 27 -24.95 -21.08 -3.73
N ALA A 28 -26.08 -20.67 -4.33
CA ALA A 28 -27.33 -21.44 -4.32
C ALA A 28 -27.23 -22.75 -5.12
N ASP A 29 -26.33 -22.82 -6.10
CA ASP A 29 -26.07 -24.13 -6.66
C ASP A 29 -24.97 -24.79 -5.84
N GLY A 30 -23.86 -25.15 -6.47
CA GLY A 30 -22.75 -25.74 -5.77
C GLY A 30 -21.50 -25.57 -6.59
N SER A 31 -21.70 -25.10 -7.82
CA SER A 31 -20.66 -24.93 -8.82
C SER A 31 -19.79 -23.70 -8.60
N LYS A 32 -20.23 -22.77 -7.74
CA LYS A 32 -19.53 -21.51 -7.54
C LYS A 32 -18.92 -21.50 -6.14
N ARG A 33 -17.64 -21.17 -6.07
N ARG A 33 -17.63 -21.16 -6.07
CA ARG A 33 -16.93 -21.01 -4.79
CA ARG A 33 -16.95 -21.03 -4.79
C ARG A 33 -17.00 -19.54 -4.41
C ARG A 33 -16.99 -19.55 -4.40
N VAL A 34 -17.93 -19.19 -3.52
CA VAL A 34 -18.14 -17.83 -3.06
C VAL A 34 -17.23 -17.54 -1.87
N LEU A 35 -16.59 -16.36 -1.88
CA LEU A 35 -15.81 -15.89 -0.75
C LEU A 35 -16.36 -14.54 -0.28
N VAL A 36 -16.35 -14.33 1.02
CA VAL A 36 -16.95 -13.15 1.65
C VAL A 36 -16.01 -12.64 2.73
N LEU A 37 -15.46 -11.44 2.53
CA LEU A 37 -14.45 -10.87 3.39
C LEU A 37 -15.07 -9.73 4.19
N GLU A 38 -14.95 -9.77 5.51
CA GLU A 38 -15.64 -8.77 6.31
C GLU A 38 -14.71 -8.27 7.41
N ALA A 39 -14.54 -6.95 7.44
CA ALA A 39 -13.62 -6.33 8.39
C ALA A 39 -14.00 -6.63 9.83
N GLY A 40 -15.30 -6.57 10.15
CA GLY A 40 -15.77 -6.70 11.51
C GLY A 40 -16.12 -8.12 11.91
N PRO A 41 -16.47 -8.31 13.17
CA PRO A 41 -16.67 -9.67 13.70
C PRO A 41 -17.94 -10.34 13.21
N ASP A 42 -18.18 -11.58 13.63
CA ASP A 42 -19.43 -12.27 13.35
C ASP A 42 -20.59 -11.44 13.90
N ASN A 43 -21.79 -11.75 13.43
CA ASN A 43 -22.99 -11.11 13.99
C ASN A 43 -23.47 -11.98 15.14
N THR A 44 -23.07 -11.62 16.38
CA THR A 44 -23.61 -12.37 17.53
C THR A 44 -23.99 -11.50 18.72
N SER A 45 -24.09 -10.18 18.60
CA SER A 45 -24.28 -9.34 19.78
C SER A 45 -25.75 -9.19 20.11
N ARG A 46 -26.09 -9.31 21.40
CA ARG A 46 -27.48 -9.11 21.79
C ARG A 46 -27.96 -7.69 21.50
N ASP A 47 -27.04 -6.74 21.32
CA ASP A 47 -27.40 -5.36 21.02
C ASP A 47 -27.86 -5.22 19.59
N VAL A 48 -27.38 -6.11 18.72
CA VAL A 48 -27.87 -6.17 17.35
C VAL A 48 -29.31 -6.66 17.32
N LYS A 49 -29.66 -7.62 18.18
CA LYS A 49 -30.92 -8.33 18.02
C LYS A 49 -32.10 -7.63 18.67
N ILE A 50 -31.86 -6.87 19.73
CA ILE A 50 -32.90 -6.14 20.42
C ILE A 50 -33.00 -4.76 19.77
N PRO A 51 -34.15 -4.40 19.18
CA PRO A 51 -34.23 -3.10 18.46
C PRO A 51 -33.88 -1.90 19.34
N ALA A 52 -34.49 -1.78 20.54
CA ALA A 52 -34.20 -0.63 21.39
C ALA A 52 -32.73 -0.50 21.77
N ALA A 53 -31.97 -1.60 21.73
CA ALA A 53 -30.53 -1.56 21.99
C ALA A 53 -29.75 -0.88 20.88
N ILE A 54 -30.41 -0.42 19.81
CA ILE A 54 -29.69 0.38 18.82
C ILE A 54 -28.99 1.56 19.45
N THR A 55 -29.43 1.97 20.65
CA THR A 55 -28.81 3.07 21.36
C THR A 55 -27.37 2.75 21.80
N ARG A 56 -26.99 1.48 21.82
CA ARG A 56 -25.63 1.07 22.18
C ARG A 56 -24.77 0.74 20.98
N LEU A 57 -25.31 0.67 19.77
CA LEU A 57 -24.45 0.38 18.63
C LEU A 57 -23.79 1.62 18.05
N PHE A 58 -24.43 2.79 18.13
CA PHE A 58 -23.77 4.04 17.74
C PHE A 58 -22.46 4.22 18.49
N ARG A 59 -21.43 4.61 17.75
CA ARG A 59 -20.13 4.98 18.33
C ARG A 59 -19.52 3.84 19.10
N SER A 60 -19.95 2.63 18.82
CA SER A 60 -19.57 1.42 19.50
C SER A 60 -18.48 0.69 18.72
N PRO A 61 -17.93 -0.42 19.27
CA PRO A 61 -16.97 -1.21 18.47
C PRO A 61 -17.52 -1.69 17.14
N LEU A 62 -18.83 -1.93 17.05
CA LEU A 62 -19.44 -2.43 15.83
C LEU A 62 -19.70 -1.33 14.82
N ASP A 63 -19.27 -0.10 15.11
CA ASP A 63 -19.39 1.01 14.18
C ASP A 63 -18.01 1.40 13.69
N TRP A 64 -17.93 1.79 12.43
CA TRP A 64 -16.67 2.25 11.87
C TRP A 64 -16.17 3.52 12.56
N ASN A 65 -17.05 4.25 13.24
CA ASN A 65 -16.69 5.51 13.90
C ASN A 65 -16.13 6.50 12.89
N LEU A 66 -16.71 6.53 11.69
CA LEU A 66 -16.34 7.55 10.74
C LEU A 66 -16.75 8.92 11.27
N PHE A 67 -15.89 9.91 11.06
CA PHE A 67 -16.23 11.31 11.23
C PHE A 67 -15.89 12.02 9.94
N SER A 68 -16.69 13.03 9.59
CA SER A 68 -16.47 13.75 8.36
C SER A 68 -15.43 14.82 8.56
N GLU A 69 -14.88 15.31 7.44
CA GLU A 69 -14.14 16.56 7.42
C GLU A 69 -14.94 17.68 8.10
N LEU A 70 -14.24 18.75 8.49
CA LEU A 70 -14.88 20.03 8.77
C LEU A 70 -15.86 20.41 7.65
N GLN A 71 -17.07 20.74 8.03
CA GLN A 71 -18.05 21.32 7.12
C GLN A 71 -18.15 22.80 7.46
N GLU A 72 -17.54 23.66 6.66
N GLU A 72 -17.51 23.65 6.66
CA GLU A 72 -17.62 25.10 6.93
CA GLU A 72 -17.59 25.09 6.85
C GLU A 72 -19.04 25.62 6.84
C GLU A 72 -19.04 25.57 6.86
N GLN A 73 -19.86 25.04 5.96
CA GLN A 73 -21.26 25.43 5.88
C GLN A 73 -22.07 24.98 7.07
N LEU A 74 -21.52 24.11 7.92
CA LEU A 74 -22.18 23.59 9.12
C LEU A 74 -21.53 24.11 10.38
N ALA A 75 -21.15 25.39 10.37
CA ALA A 75 -20.51 26.05 11.51
C ALA A 75 -19.21 25.36 11.89
N GLU A 76 -18.54 24.75 10.91
CA GLU A 76 -17.29 24.05 11.14
C GLU A 76 -17.44 23.03 12.27
N ARG A 77 -18.21 21.99 11.97
CA ARG A 77 -18.37 20.84 12.83
C ARG A 77 -18.05 19.61 12.01
N GLN A 78 -17.45 18.61 12.64
CA GLN A 78 -17.40 17.29 12.02
C GLN A 78 -18.70 16.57 12.32
N ILE A 79 -19.12 15.71 11.40
CA ILE A 79 -20.39 15.01 11.49
C ILE A 79 -20.10 13.52 11.69
N TYR A 80 -20.54 12.96 12.81
CA TYR A 80 -20.45 11.51 12.97
C TYR A 80 -21.45 10.84 12.03
N MET A 81 -20.97 9.86 11.27
CA MET A 81 -21.74 9.19 10.24
C MET A 81 -21.70 7.68 10.49
N ALA A 82 -22.79 7.16 11.05
CA ALA A 82 -22.84 5.76 11.44
C ALA A 82 -22.65 4.85 10.23
N ARG A 83 -21.87 3.77 10.43
CA ARG A 83 -21.70 2.73 9.42
C ARG A 83 -21.44 1.41 10.13
N GLY A 84 -22.29 0.41 9.87
CA GLY A 84 -22.15 -0.86 10.58
C GLY A 84 -20.82 -1.53 10.28
N ARG A 85 -20.24 -2.17 11.33
CA ARG A 85 -18.96 -2.89 11.20
C ARG A 85 -19.12 -4.30 11.76
N LEU A 86 -19.72 -5.18 10.96
CA LEU A 86 -19.98 -6.56 11.31
C LEU A 86 -20.72 -7.19 10.14
N LEU A 87 -20.72 -8.52 10.11
CA LEU A 87 -21.51 -9.24 9.11
C LEU A 87 -22.96 -8.79 9.20
N GLY A 88 -23.56 -8.49 8.05
CA GLY A 88 -24.85 -7.85 8.00
C GLY A 88 -24.76 -6.35 7.82
N GLY A 89 -23.58 -5.78 8.03
CA GLY A 89 -23.31 -4.38 7.73
C GLY A 89 -24.16 -3.43 8.56
N SER A 90 -24.67 -2.40 7.87
CA SER A 90 -25.57 -1.45 8.49
C SER A 90 -26.96 -2.01 8.67
N SER A 91 -27.28 -3.16 8.08
CA SER A 91 -28.59 -3.72 8.34
C SER A 91 -28.66 -4.21 9.78
N ALA A 92 -27.52 -4.55 10.36
CA ALA A 92 -27.54 -4.99 11.73
C ALA A 92 -27.48 -3.83 12.70
N THR A 93 -27.24 -2.61 12.21
CA THR A 93 -27.12 -1.48 13.11
C THR A 93 -28.07 -0.35 12.73
N ASN A 94 -29.19 -0.66 12.05
CA ASN A 94 -30.07 0.38 11.56
C ASN A 94 -31.40 0.40 12.32
N ALA A 95 -32.21 1.42 12.03
CA ALA A 95 -33.50 1.56 12.70
C ALA A 95 -34.58 0.65 12.13
N THR A 96 -34.24 -0.24 11.18
CA THR A 96 -35.11 -1.27 10.58
C THR A 96 -36.33 -0.78 9.79
N LEU A 97 -36.55 0.54 9.68
CA LEU A 97 -37.69 1.07 8.93
C LEU A 97 -37.66 0.61 7.48
N TYR A 98 -38.84 0.28 6.92
CA TYR A 98 -38.96 -0.32 5.59
C TYR A 98 -39.64 0.64 4.60
N HIS A 99 -38.89 1.08 3.59
CA HIS A 99 -39.27 2.19 2.72
C HIS A 99 -38.70 1.97 1.34
N ARG A 100 -39.56 2.01 0.32
CA ARG A 100 -39.09 1.87 -1.04
C ARG A 100 -38.94 3.21 -1.74
N GLY A 101 -39.23 4.30 -1.07
CA GLY A 101 -39.42 5.54 -1.78
C GLY A 101 -40.67 5.44 -2.64
N ALA A 102 -40.76 6.31 -3.64
CA ALA A 102 -41.89 6.35 -4.58
C ALA A 102 -41.49 5.80 -5.95
N ALA A 103 -42.49 5.37 -6.72
CA ALA A 103 -42.23 4.91 -8.08
C ALA A 103 -41.44 5.93 -8.91
N GLY A 104 -41.66 7.23 -8.66
CA GLY A 104 -40.94 8.24 -9.42
C GLY A 104 -39.49 8.42 -9.00
N ASP A 105 -39.15 8.00 -7.80
CA ASP A 105 -37.75 7.97 -7.41
C ASP A 105 -36.94 7.08 -8.36
N TYR A 106 -37.52 5.98 -8.83
CA TYR A 106 -36.81 5.07 -9.73
C TYR A 106 -36.93 5.45 -11.19
N ASP A 107 -38.13 5.89 -11.63
CA ASP A 107 -38.25 6.43 -12.98
C ASP A 107 -37.26 7.56 -13.22
N ALA A 108 -37.08 8.43 -12.23
CA ALA A 108 -36.20 9.58 -12.38
C ALA A 108 -34.73 9.17 -12.45
N TRP A 109 -34.41 7.92 -12.12
CA TRP A 109 -33.03 7.47 -12.23
C TRP A 109 -32.45 7.73 -13.62
N GLY A 110 -33.27 7.64 -14.67
CA GLY A 110 -32.80 7.86 -16.01
C GLY A 110 -32.29 6.60 -16.69
N VAL A 111 -31.78 5.66 -15.90
CA VAL A 111 -31.07 4.50 -16.46
C VAL A 111 -32.04 3.57 -17.17
N GLU A 112 -31.57 2.94 -18.23
CA GLU A 112 -32.39 1.97 -18.94
C GLU A 112 -32.30 0.62 -18.22
N GLY A 113 -33.47 -0.03 -18.04
CA GLY A 113 -33.55 -1.31 -17.36
C GLY A 113 -33.79 -1.22 -15.88
N TRP A 114 -33.94 -0.01 -15.33
CA TRP A 114 -34.22 0.19 -13.93
C TRP A 114 -35.30 1.27 -13.80
N SER A 115 -36.45 1.04 -14.42
CA SER A 115 -37.60 1.92 -14.24
C SER A 115 -38.39 1.47 -13.02
N SER A 116 -39.53 2.11 -12.75
CA SER A 116 -40.30 1.69 -11.59
C SER A 116 -40.86 0.29 -11.80
N GLU A 117 -41.20 -0.05 -13.04
CA GLU A 117 -41.78 -1.35 -13.33
C GLU A 117 -40.74 -2.47 -13.22
N ASP A 118 -39.51 -2.21 -13.68
CA ASP A 118 -38.46 -3.23 -13.60
C ASP A 118 -38.12 -3.57 -12.15
N VAL A 119 -38.13 -2.58 -11.26
CA VAL A 119 -37.70 -2.85 -9.90
C VAL A 119 -38.82 -3.40 -9.00
N LEU A 120 -40.08 -3.04 -9.28
CA LEU A 120 -41.19 -3.38 -8.38
C LEU A 120 -41.19 -4.85 -8.01
N SER A 121 -40.98 -5.73 -9.01
CA SER A 121 -41.12 -7.15 -8.77
C SER A 121 -39.99 -7.67 -7.91
N TRP A 122 -38.80 -7.07 -8.01
CA TRP A 122 -37.69 -7.50 -7.18
C TRP A 122 -37.90 -7.15 -5.71
N PHE A 123 -38.52 -6.00 -5.41
CA PHE A 123 -38.97 -5.73 -4.05
C PHE A 123 -39.89 -6.81 -3.48
N VAL A 124 -41.09 -6.93 -4.07
CA VAL A 124 -42.07 -7.93 -3.66
C VAL A 124 -41.43 -9.29 -3.49
N GLN A 125 -40.54 -9.64 -4.41
N GLN A 125 -40.50 -9.62 -4.39
CA GLN A 125 -39.93 -10.96 -4.39
CA GLN A 125 -39.91 -10.95 -4.42
C GLN A 125 -39.28 -11.26 -3.05
C GLN A 125 -39.21 -11.27 -3.10
N ALA A 126 -38.47 -10.31 -2.55
CA ALA A 126 -37.68 -10.55 -1.36
C ALA A 126 -38.48 -10.38 -0.08
N GLU A 127 -39.76 -10.04 -0.14
CA GLU A 127 -40.55 -9.69 1.03
C GLU A 127 -41.47 -10.81 1.53
N THR A 128 -41.53 -10.96 2.86
CA THR A 128 -42.63 -11.63 3.58
C THR A 128 -43.20 -10.66 4.61
N ASN A 129 -44.40 -10.13 4.34
CA ASN A 129 -45.03 -9.11 5.18
C ASN A 129 -46.00 -9.75 6.17
N ALA A 130 -45.88 -9.41 7.45
CA ALA A 130 -46.78 -9.94 8.47
C ALA A 130 -48.13 -9.24 8.50
N ASP A 131 -48.27 -8.09 7.84
CA ASP A 131 -49.39 -7.19 8.08
C ASP A 131 -50.06 -6.70 6.81
N PHE A 132 -49.54 -7.03 5.65
CA PHE A 132 -50.20 -6.81 4.38
C PHE A 132 -50.27 -8.14 3.65
N GLY A 133 -51.42 -8.42 3.04
CA GLY A 133 -51.62 -9.63 2.28
C GLY A 133 -50.89 -9.59 0.95
N PRO A 134 -50.60 -10.76 0.40
CA PRO A 134 -49.85 -10.83 -0.86
C PRO A 134 -50.61 -10.17 -2.01
N GLY A 135 -49.87 -9.44 -2.82
CA GLY A 135 -50.49 -8.67 -3.86
C GLY A 135 -49.42 -8.11 -4.77
N ALA A 136 -49.85 -7.19 -5.65
CA ALA A 136 -48.90 -6.48 -6.51
C ALA A 136 -47.78 -5.83 -5.70
N TYR A 137 -48.08 -5.28 -4.51
CA TYR A 137 -47.10 -4.47 -3.80
C TYR A 137 -46.47 -5.17 -2.58
N HIS A 138 -46.92 -6.39 -2.24
CA HIS A 138 -46.38 -7.06 -1.06
C HIS A 138 -46.22 -8.55 -1.33
N GLY A 139 -45.12 -9.11 -0.82
CA GLY A 139 -44.85 -10.53 -0.94
C GLY A 139 -45.20 -11.30 0.32
N SER A 140 -45.24 -12.65 0.16
CA SER A 140 -45.45 -13.56 1.27
C SER A 140 -44.49 -14.75 1.29
N GLY A 141 -43.59 -14.86 0.32
CA GLY A 141 -42.70 -16.01 0.32
C GLY A 141 -41.26 -15.63 0.49
N GLY A 142 -41.02 -14.33 0.70
CA GLY A 142 -39.70 -13.78 0.62
C GLY A 142 -38.88 -13.98 1.87
N PRO A 143 -37.57 -13.74 1.72
CA PRO A 143 -36.64 -13.92 2.84
C PRO A 143 -36.63 -12.80 3.86
N MET A 144 -36.85 -11.54 3.45
CA MET A 144 -36.98 -10.46 4.42
C MET A 144 -38.22 -10.67 5.29
N ARG A 145 -38.09 -10.37 6.58
CA ARG A 145 -39.27 -10.22 7.43
C ARG A 145 -39.62 -8.73 7.54
N VAL A 146 -40.91 -8.41 7.44
CA VAL A 146 -41.43 -7.04 7.50
C VAL A 146 -42.75 -7.09 8.28
N GLU A 147 -42.91 -6.17 9.24
CA GLU A 147 -44.05 -6.16 10.13
C GLU A 147 -44.31 -4.76 10.67
N ASN A 148 -45.59 -4.48 10.93
CA ASN A 148 -45.96 -3.27 11.64
C ASN A 148 -45.30 -3.29 13.01
N PRO A 149 -44.80 -2.17 13.49
CA PRO A 149 -44.14 -2.16 14.81
C PRO A 149 -45.01 -2.81 15.90
N ARG A 150 -44.40 -3.71 16.68
CA ARG A 150 -45.08 -4.35 17.79
C ARG A 150 -44.98 -3.55 19.08
N TYR A 151 -44.76 -2.22 18.98
CA TYR A 151 -44.88 -1.32 20.12
C TYR A 151 -45.82 -0.17 19.75
N THR A 152 -46.71 0.19 20.68
CA THR A 152 -47.61 1.32 20.51
C THR A 152 -47.68 2.11 21.81
N ASN A 153 -47.39 3.41 21.70
CA ASN A 153 -47.62 4.37 22.77
C ASN A 153 -49.06 4.89 22.65
N LYS A 154 -49.94 4.44 23.53
CA LYS A 154 -51.36 4.57 23.31
C LYS A 154 -51.81 6.03 23.35
N GLN A 155 -51.01 6.92 23.93
CA GLN A 155 -51.37 8.33 24.05
C GLN A 155 -50.61 9.23 23.08
N LEU A 156 -49.30 9.06 22.98
CA LEU A 156 -48.51 9.97 22.18
C LEU A 156 -48.60 9.67 20.69
N HIS A 157 -48.58 8.37 20.33
CA HIS A 157 -48.79 8.02 18.92
C HIS A 157 -50.17 8.47 18.45
N THR A 158 -51.20 8.26 19.26
N THR A 158 -51.19 8.26 19.28
CA THR A 158 -52.53 8.66 18.80
CA THR A 158 -52.56 8.63 18.92
C THR A 158 -52.71 10.16 18.79
C THR A 158 -52.71 10.13 18.82
N ALA A 159 -52.05 10.88 19.71
CA ALA A 159 -52.12 12.34 19.67
C ALA A 159 -51.32 12.89 18.47
N PHE A 160 -50.24 12.22 18.07
CA PHE A 160 -49.50 12.66 16.90
C PHE A 160 -50.36 12.62 15.64
N PHE A 161 -51.13 11.54 15.46
CA PHE A 161 -51.93 11.38 14.24
C PHE A 161 -53.12 12.34 14.25
N LYS A 162 -53.80 12.46 15.40
CA LYS A 162 -54.81 13.50 15.55
C LYS A 162 -54.24 14.86 15.21
N ALA A 163 -52.99 15.10 15.61
CA ALA A 163 -52.37 16.40 15.40
C ALA A 163 -52.04 16.62 13.94
N ALA A 164 -51.39 15.64 13.30
CA ALA A 164 -51.16 15.75 11.87
C ALA A 164 -52.45 15.83 11.08
N GLU A 165 -53.52 15.16 11.53
CA GLU A 165 -54.82 15.39 10.90
C GLU A 165 -55.29 16.84 11.08
N GLU A 166 -55.07 17.42 12.28
CA GLU A 166 -55.52 18.78 12.58
C GLU A 166 -54.93 19.79 11.61
N VAL A 167 -53.62 19.69 11.35
CA VAL A 167 -52.93 20.64 10.47
C VAL A 167 -53.14 20.32 9.00
N GLY A 168 -54.06 19.41 8.69
CA GLY A 168 -54.44 19.19 7.32
C GLY A 168 -53.74 18.07 6.59
N LEU A 169 -53.19 17.10 7.27
CA LEU A 169 -52.63 15.98 6.53
C LEU A 169 -53.68 14.88 6.38
N THR A 170 -53.54 14.09 5.36
CA THR A 170 -54.35 12.91 5.15
C THR A 170 -53.58 11.65 5.53
N PRO A 171 -54.26 10.59 6.02
CA PRO A 171 -53.53 9.36 6.32
C PRO A 171 -53.01 8.67 5.06
N ASN A 172 -52.09 7.75 5.28
CA ASN A 172 -51.49 6.94 4.22
C ASN A 172 -51.33 5.55 4.80
N SER A 173 -52.11 4.59 4.28
CA SER A 173 -52.15 3.26 4.89
C SER A 173 -50.94 2.39 4.55
N ASP A 174 -50.08 2.83 3.63
CA ASP A 174 -48.97 2.01 3.17
C ASP A 174 -47.99 2.88 2.39
N PHE A 175 -46.91 3.27 3.04
CA PHE A 175 -45.96 4.12 2.35
C PHE A 175 -45.22 3.43 1.22
N ASN A 176 -45.34 2.11 1.07
CA ASN A 176 -44.72 1.41 -0.06
C ASN A 176 -45.75 0.90 -1.07
N ASP A 177 -46.94 1.47 -1.05
CA ASP A 177 -47.94 1.19 -2.05
C ASP A 177 -47.85 2.31 -3.09
N TRP A 178 -47.43 1.97 -4.31
CA TRP A 178 -47.21 2.99 -5.33
C TRP A 178 -48.50 3.41 -6.03
N SER A 179 -49.63 2.75 -5.76
CA SER A 179 -50.88 3.15 -6.40
C SER A 179 -51.46 4.43 -5.83
N HIS A 180 -51.06 4.86 -4.63
CA HIS A 180 -51.53 6.15 -4.11
C HIS A 180 -50.35 7.02 -3.68
N ASP A 181 -50.63 8.31 -3.50
CA ASP A 181 -49.58 9.29 -3.33
C ASP A 181 -48.77 8.98 -2.09
N HIS A 182 -47.49 9.36 -2.15
CA HIS A 182 -46.51 8.96 -1.15
C HIS A 182 -46.57 9.82 0.10
N ALA A 183 -47.25 10.97 0.03
CA ALA A 183 -47.30 11.86 1.16
C ALA A 183 -48.28 11.36 2.22
N GLY A 184 -48.22 11.97 3.40
CA GLY A 184 -49.18 11.72 4.45
C GLY A 184 -48.56 11.08 5.68
N TYR A 185 -49.39 10.97 6.70
CA TYR A 185 -48.97 10.48 7.99
C TYR A 185 -49.43 9.05 8.21
N GLY A 186 -48.75 8.39 9.14
CA GLY A 186 -49.05 7.01 9.43
C GLY A 186 -47.83 6.29 9.95
N THR A 187 -47.82 4.98 9.74
CA THR A 187 -46.93 4.10 10.47
C THR A 187 -45.93 3.46 9.51
N PHE A 188 -44.67 3.50 9.90
CA PHE A 188 -43.59 2.88 9.15
C PHE A 188 -43.55 1.40 9.50
N GLN A 189 -43.50 0.53 8.50
CA GLN A 189 -43.22 -0.87 8.81
C GLN A 189 -41.73 -1.03 9.08
N VAL A 190 -41.38 -2.09 9.83
CA VAL A 190 -40.01 -2.31 10.29
C VAL A 190 -39.56 -3.73 9.94
N MET A 191 -38.27 -3.87 9.61
CA MET A 191 -37.70 -5.16 9.21
C MET A 191 -37.32 -5.93 10.47
N GLN A 192 -38.35 -6.42 11.12
CA GLN A 192 -38.27 -7.13 12.39
C GLN A 192 -39.10 -8.41 12.33
N ASP A 193 -38.62 -9.43 13.00
CA ASP A 193 -39.30 -10.71 13.10
C ASP A 193 -39.85 -10.82 14.51
N LYS A 194 -41.11 -10.45 14.68
CA LYS A 194 -41.77 -10.50 15.99
C LYS A 194 -40.96 -9.80 17.08
N GLY A 195 -40.41 -8.64 16.75
CA GLY A 195 -39.71 -7.82 17.72
C GLY A 195 -38.23 -8.09 17.84
N THR A 196 -37.69 -9.03 17.07
CA THR A 196 -36.26 -9.22 16.88
C THR A 196 -35.86 -8.48 15.59
N ARG A 197 -34.67 -7.88 15.57
CA ARG A 197 -34.16 -7.31 14.32
C ARG A 197 -34.03 -8.39 13.25
N ALA A 198 -34.61 -8.15 12.08
CA ALA A 198 -34.54 -9.10 10.98
C ALA A 198 -33.53 -8.64 9.94
N ASP A 199 -32.29 -8.50 10.41
CA ASP A 199 -31.16 -8.04 9.61
C ASP A 199 -30.83 -9.06 8.53
N MET A 200 -30.02 -8.62 7.56
CA MET A 200 -29.69 -9.45 6.40
C MET A 200 -28.68 -10.56 6.71
N TYR A 201 -27.90 -10.46 7.80
CA TYR A 201 -27.14 -11.63 8.23
C TYR A 201 -28.09 -12.76 8.60
N ARG A 202 -29.09 -12.45 9.42
CA ARG A 202 -30.02 -13.45 9.92
C ARG A 202 -30.95 -13.97 8.82
N GLN A 203 -31.44 -13.08 7.94
CA GLN A 203 -32.44 -13.52 6.97
C GLN A 203 -31.84 -14.23 5.76
N TYR A 204 -30.61 -13.91 5.38
CA TYR A 204 -29.99 -14.46 4.18
C TYR A 204 -28.74 -15.28 4.46
N LEU A 205 -27.85 -14.84 5.35
CA LEU A 205 -26.57 -15.54 5.44
C LEU A 205 -26.57 -16.66 6.48
N LYS A 206 -27.08 -16.38 7.68
CA LYS A 206 -27.18 -17.40 8.72
C LYS A 206 -27.92 -18.68 8.26
N PRO A 207 -28.93 -18.61 7.39
CA PRO A 207 -29.55 -19.87 6.95
C PRO A 207 -28.72 -20.65 5.96
N VAL A 208 -27.60 -20.11 5.47
CA VAL A 208 -26.82 -20.77 4.41
C VAL A 208 -25.37 -21.01 4.79
N LEU A 209 -25.00 -20.80 6.06
CA LEU A 209 -23.59 -20.98 6.45
C LEU A 209 -23.14 -22.43 6.33
N GLY A 210 -24.07 -23.32 5.92
CA GLY A 210 -23.75 -24.72 5.76
C GLY A 210 -23.08 -25.05 4.44
N ARG A 211 -23.34 -24.27 3.41
CA ARG A 211 -22.84 -24.59 2.08
C ARG A 211 -21.32 -24.61 2.03
N ARG A 212 -20.78 -25.77 1.62
CA ARG A 212 -19.33 -25.94 1.55
C ARG A 212 -18.70 -25.03 0.51
N ASN A 213 -19.47 -24.65 -0.52
CA ASN A 213 -18.98 -23.73 -1.54
C ASN A 213 -19.08 -22.29 -1.10
N LEU A 214 -19.34 -22.04 0.18
CA LEU A 214 -19.51 -20.70 0.71
C LEU A 214 -18.50 -20.47 1.83
N GLN A 215 -17.50 -19.63 1.55
CA GLN A 215 -16.46 -19.26 2.49
C GLN A 215 -16.64 -17.80 2.92
N VAL A 216 -16.80 -17.60 4.23
CA VAL A 216 -17.08 -16.31 4.85
C VAL A 216 -15.97 -16.06 5.87
N LEU A 217 -15.18 -15.02 5.65
CA LEU A 217 -14.11 -14.65 6.57
C LEU A 217 -14.43 -13.30 7.20
N THR A 218 -14.72 -13.31 8.49
CA THR A 218 -14.72 -12.09 9.28
C THR A 218 -13.31 -11.79 9.76
N GLY A 219 -13.15 -10.64 10.41
CA GLY A 219 -11.82 -10.17 10.75
C GLY A 219 -10.94 -9.85 9.57
N ALA A 220 -11.49 -9.86 8.36
CA ALA A 220 -10.73 -9.86 7.13
C ALA A 220 -10.94 -8.51 6.45
N ALA A 221 -9.90 -7.68 6.47
CA ALA A 221 -9.96 -6.27 6.07
C ALA A 221 -9.26 -6.11 4.72
N VAL A 222 -10.04 -5.87 3.67
CA VAL A 222 -9.48 -5.75 2.32
C VAL A 222 -8.72 -4.43 2.16
N THR A 223 -7.58 -4.49 1.45
CA THR A 223 -6.68 -3.35 1.21
C THR A 223 -6.68 -2.85 -0.24
N LYS A 224 -6.96 -3.72 -1.20
CA LYS A 224 -6.97 -3.35 -2.61
C LYS A 224 -7.57 -4.50 -3.40
N VAL A 225 -7.73 -4.29 -4.71
CA VAL A 225 -8.13 -5.33 -5.65
C VAL A 225 -7.07 -5.42 -6.74
N ASN A 226 -6.40 -6.58 -6.79
CA ASN A 226 -5.49 -6.91 -7.89
C ASN A 226 -6.15 -6.62 -9.23
N ILE A 227 -5.54 -5.74 -10.03
CA ILE A 227 -5.97 -5.49 -11.39
C ILE A 227 -4.71 -5.51 -12.25
N ASP A 228 -4.30 -6.70 -12.67
CA ASP A 228 -3.27 -6.82 -13.69
C ASP A 228 -3.71 -6.08 -14.95
N GLN A 229 -2.77 -5.36 -15.57
N GLN A 229 -2.79 -5.32 -15.55
CA GLN A 229 -3.04 -4.54 -16.75
CA GLN A 229 -3.11 -4.53 -16.75
C GLN A 229 -2.94 -5.36 -18.03
C GLN A 229 -2.80 -5.30 -18.03
N ALA A 234 -7.75 -4.17 -19.05
CA ALA A 234 -7.84 -4.21 -17.59
C ALA A 234 -8.70 -5.39 -17.11
N GLN A 235 -8.20 -6.10 -16.08
CA GLN A 235 -8.85 -7.29 -15.54
C GLN A 235 -8.53 -7.38 -14.07
N ALA A 236 -9.57 -7.50 -13.25
CA ALA A 236 -9.37 -7.79 -11.84
C ALA A 236 -8.97 -9.25 -11.67
N LEU A 237 -8.14 -9.52 -10.65
CA LEU A 237 -7.60 -10.87 -10.43
C LEU A 237 -7.70 -11.35 -9.00
N GLY A 238 -8.18 -10.53 -8.08
CA GLY A 238 -8.36 -10.96 -6.71
C GLY A 238 -8.30 -9.77 -5.77
N VAL A 239 -8.01 -10.06 -4.51
CA VAL A 239 -8.00 -9.04 -3.47
C VAL A 239 -6.81 -9.28 -2.57
N GLU A 240 -6.40 -8.23 -1.87
CA GLU A 240 -5.45 -8.33 -0.78
C GLU A 240 -6.15 -7.90 0.50
N PHE A 241 -5.86 -8.58 1.61
CA PHE A 241 -6.54 -8.32 2.87
C PHE A 241 -5.63 -8.73 4.01
N SER A 242 -6.05 -8.39 5.23
CA SER A 242 -5.34 -8.77 6.45
C SER A 242 -6.33 -9.22 7.52
N THR A 243 -6.06 -10.38 8.14
CA THR A 243 -6.99 -10.92 9.13
C THR A 243 -6.80 -10.35 10.53
N ASP A 244 -5.65 -9.74 10.82
CA ASP A 244 -5.40 -9.15 12.14
C ASP A 244 -5.64 -7.65 12.17
N GLY A 245 -5.23 -6.93 11.13
CA GLY A 245 -5.44 -5.50 11.08
C GLY A 245 -4.32 -4.78 10.34
N PRO A 246 -4.13 -3.50 10.65
CA PRO A 246 -3.03 -2.73 10.03
C PRO A 246 -1.63 -3.20 10.46
N THR A 247 -1.54 -4.17 11.36
CA THR A 247 -0.27 -4.76 11.80
C THR A 247 -0.32 -6.28 11.66
N GLY A 248 -0.79 -6.74 10.50
CA GLY A 248 -0.84 -8.15 10.21
C GLY A 248 -0.22 -8.50 8.87
N GLU A 249 -0.47 -9.72 8.40
CA GLU A 249 0.13 -10.19 7.15
C GLU A 249 -0.70 -9.74 5.96
N ARG A 250 -0.07 -9.75 4.78
CA ARG A 250 -0.67 -9.23 3.55
C ARG A 250 -1.09 -10.39 2.67
N LEU A 251 -2.19 -11.04 3.03
CA LEU A 251 -2.66 -12.21 2.30
C LEU A 251 -3.24 -11.79 0.94
N SER A 252 -3.64 -12.80 0.17
CA SER A 252 -4.11 -12.59 -1.19
C SER A 252 -5.09 -13.71 -1.53
N ALA A 253 -6.22 -13.34 -2.12
CA ALA A 253 -7.27 -14.28 -2.49
C ALA A 253 -7.42 -14.28 -3.99
N GLU A 254 -7.15 -15.44 -4.61
CA GLU A 254 -7.10 -15.55 -6.07
C GLU A 254 -8.45 -15.98 -6.60
N LEU A 255 -8.76 -15.51 -7.79
CA LEU A 255 -9.99 -15.87 -8.45
C LEU A 255 -9.74 -16.93 -9.51
N ALA A 256 -10.75 -17.76 -9.73
CA ALA A 256 -10.76 -18.74 -10.80
C ALA A 256 -10.96 -18.06 -12.14
N PRO A 257 -10.64 -18.75 -13.27
CA PRO A 257 -11.01 -18.22 -14.59
C PRO A 257 -12.44 -17.71 -14.61
N GLY A 258 -12.68 -16.56 -15.24
CA GLY A 258 -13.99 -15.94 -15.21
C GLY A 258 -14.46 -15.44 -13.85
N GLY A 259 -13.75 -15.75 -12.77
CA GLY A 259 -14.17 -15.32 -11.44
C GLY A 259 -14.26 -13.81 -11.29
N GLU A 260 -15.48 -13.30 -11.05
CA GLU A 260 -15.69 -11.87 -10.90
C GLU A 260 -15.46 -11.41 -9.47
N VAL A 261 -15.32 -10.09 -9.30
CA VAL A 261 -15.16 -9.47 -8.00
C VAL A 261 -16.31 -8.48 -7.82
N ILE A 262 -16.92 -8.50 -6.64
CA ILE A 262 -18.15 -7.77 -6.37
C ILE A 262 -17.87 -6.80 -5.22
N MET A 263 -17.93 -5.50 -5.53
CA MET A 263 -17.78 -4.46 -4.51
C MET A 263 -19.07 -4.41 -3.70
N CYS A 264 -18.97 -4.78 -2.42
CA CYS A 264 -20.09 -4.71 -1.51
C CYS A 264 -19.75 -3.90 -0.27
N ALA A 265 -18.66 -3.12 -0.33
CA ALA A 265 -18.16 -2.43 0.86
C ALA A 265 -19.01 -1.25 1.28
N GLY A 266 -20.04 -0.91 0.51
CA GLY A 266 -20.98 0.13 0.88
C GLY A 266 -20.60 1.49 0.32
N ALA A 267 -21.56 2.42 0.42
CA ALA A 267 -21.41 3.72 -0.22
C ALA A 267 -20.20 4.50 0.30
N VAL A 268 -19.68 4.17 1.49
CA VAL A 268 -18.49 4.85 1.96
C VAL A 268 -17.23 4.10 1.58
N HIS A 269 -17.16 2.81 1.90
CA HIS A 269 -15.88 2.13 1.78
C HIS A 269 -15.63 1.56 0.39
N THR A 270 -16.67 1.24 -0.36
CA THR A 270 -16.46 0.80 -1.74
C THR A 270 -15.78 1.86 -2.57
N PRO A 271 -16.32 3.09 -2.71
CA PRO A 271 -15.62 4.08 -3.56
C PRO A 271 -14.20 4.33 -3.08
N PHE A 272 -13.99 4.23 -1.77
CA PHE A 272 -12.68 4.35 -1.18
C PHE A 272 -11.77 3.23 -1.66
N LEU A 273 -12.16 1.98 -1.42
CA LEU A 273 -11.34 0.84 -1.76
C LEU A 273 -11.06 0.77 -3.26
N LEU A 274 -12.05 1.14 -4.08
CA LEU A 274 -11.80 1.23 -5.52
C LEU A 274 -10.67 2.18 -5.83
N LYS A 275 -10.62 3.32 -5.14
CA LYS A 275 -9.61 4.34 -5.42
C LYS A 275 -8.23 3.82 -5.09
N HIS A 276 -8.05 3.32 -3.87
CA HIS A 276 -6.79 2.66 -3.51
C HIS A 276 -6.39 1.61 -4.53
N SER A 277 -7.36 1.01 -5.23
CA SER A 277 -7.07 -0.08 -6.14
C SER A 277 -6.75 0.39 -7.55
N GLY A 278 -7.01 1.65 -7.88
CA GLY A 278 -6.63 2.22 -9.15
C GLY A 278 -7.75 2.78 -9.99
N VAL A 279 -9.01 2.67 -9.59
CA VAL A 279 -10.15 3.10 -10.40
C VAL A 279 -10.70 4.36 -9.76
N GLY A 280 -10.57 5.50 -10.46
CA GLY A 280 -11.06 6.77 -9.99
C GLY A 280 -10.51 7.97 -10.75
N PRO A 281 -10.67 9.17 -10.18
CA PRO A 281 -10.09 10.38 -10.79
C PRO A 281 -8.57 10.37 -10.66
N SER A 282 -7.89 10.38 -11.81
CA SER A 282 -6.44 10.36 -11.82
C SER A 282 -5.85 11.49 -10.99
N ALA A 283 -6.42 12.70 -11.13
CA ALA A 283 -5.95 13.84 -10.35
C ALA A 283 -5.87 13.50 -8.88
N GLU A 284 -6.84 12.73 -8.37
N GLU A 284 -6.84 12.74 -8.37
CA GLU A 284 -6.78 12.33 -6.96
CA GLU A 284 -6.79 12.34 -6.97
C GLU A 284 -5.83 11.16 -6.75
C GLU A 284 -5.84 11.16 -6.75
N LEU A 285 -5.73 10.26 -7.72
CA LEU A 285 -4.86 9.10 -7.55
C LEU A 285 -3.39 9.52 -7.59
N LYS A 286 -3.01 10.39 -8.54
CA LYS A 286 -1.61 10.80 -8.66
C LYS A 286 -1.09 11.45 -7.37
N GLU A 287 -1.96 12.10 -6.59
CA GLU A 287 -1.52 12.78 -5.39
C GLU A 287 -0.88 11.83 -4.38
N PHE A 288 -1.26 10.55 -4.39
CA PHE A 288 -0.69 9.58 -3.47
C PHE A 288 0.11 8.49 -4.18
N GLY A 289 0.36 8.65 -5.48
CA GLY A 289 1.22 7.75 -6.22
C GLY A 289 0.61 6.40 -6.52
N ILE A 290 -0.63 6.39 -6.99
CA ILE A 290 -1.37 5.16 -7.26
C ILE A 290 -1.61 5.08 -8.77
N PRO A 291 -1.15 4.02 -9.44
CA PRO A 291 -1.33 3.93 -10.88
C PRO A 291 -2.80 3.93 -11.28
N VAL A 292 -3.09 4.57 -12.41
CA VAL A 292 -4.46 4.71 -12.89
C VAL A 292 -4.76 3.57 -13.86
N VAL A 293 -5.68 2.69 -13.46
CA VAL A 293 -6.17 1.66 -14.35
C VAL A 293 -7.35 2.16 -15.18
N SER A 294 -8.35 2.75 -14.51
CA SER A 294 -9.43 3.47 -15.19
C SER A 294 -9.55 4.87 -14.61
N ASN A 295 -9.86 5.84 -15.46
CA ASN A 295 -9.99 7.23 -15.04
C ASN A 295 -11.45 7.65 -15.14
N LEU A 296 -12.26 7.07 -14.26
CA LEU A 296 -13.68 7.42 -14.16
C LEU A 296 -13.84 8.49 -13.09
N ALA A 297 -14.29 9.67 -13.50
CA ALA A 297 -14.37 10.80 -12.58
C ALA A 297 -15.52 10.67 -11.59
N GLY A 298 -16.40 9.69 -11.75
CA GLY A 298 -17.54 9.56 -10.85
C GLY A 298 -17.30 8.78 -9.59
N VAL A 299 -16.16 8.11 -9.46
CA VAL A 299 -15.89 7.36 -8.25
C VAL A 299 -15.67 8.34 -7.10
N GLY A 300 -16.53 8.27 -6.10
CA GLY A 300 -16.36 9.12 -4.95
C GLY A 300 -17.08 10.45 -5.01
N GLN A 301 -17.81 10.75 -6.08
CA GLN A 301 -18.68 11.92 -6.13
C GLN A 301 -20.12 11.46 -5.89
N ASN A 302 -21.06 12.40 -5.99
CA ASN A 302 -22.50 12.17 -5.96
C ASN A 302 -22.98 11.60 -4.62
N LEU A 303 -22.16 11.68 -3.56
CA LEU A 303 -22.57 11.19 -2.25
C LEU A 303 -23.82 11.91 -1.79
N GLN A 304 -24.89 11.15 -1.60
CA GLN A 304 -26.15 11.68 -1.12
C GLN A 304 -26.48 11.06 0.23
N ASP A 305 -26.82 11.92 1.18
CA ASP A 305 -27.23 11.50 2.51
C ASP A 305 -28.34 12.44 2.93
N GLN A 306 -29.30 11.93 3.70
CA GLN A 306 -30.44 12.73 4.09
C GLN A 306 -30.22 13.41 5.44
N PRO A 307 -30.08 14.74 5.48
CA PRO A 307 -29.85 15.42 6.75
C PRO A 307 -31.11 15.58 7.57
N ALA A 308 -30.92 15.69 8.88
CA ALA A 308 -32.02 15.76 9.83
C ALA A 308 -31.73 16.79 10.89
N CYS A 309 -32.81 17.41 11.36
CA CYS A 309 -32.85 18.25 12.55
C CYS A 309 -34.10 17.85 13.36
N LEU A 310 -34.21 18.30 14.61
CA LEU A 310 -35.32 17.89 15.46
C LEU A 310 -35.86 19.05 16.29
N THR A 311 -37.12 18.89 16.71
CA THR A 311 -37.75 19.64 17.76
C THR A 311 -38.06 18.67 18.90
N ALA A 312 -38.13 19.21 20.11
CA ALA A 312 -38.32 18.42 21.32
C ALA A 312 -39.14 19.23 22.28
N ALA A 313 -40.06 18.57 22.97
CA ALA A 313 -40.93 19.27 23.89
C ALA A 313 -41.28 18.33 25.02
N PRO A 314 -41.16 18.75 26.26
CA PRO A 314 -41.57 17.91 27.37
C PRO A 314 -43.08 17.85 27.47
N VAL A 315 -43.55 16.86 28.18
CA VAL A 315 -44.97 16.78 28.45
C VAL A 315 -45.27 17.52 29.74
N LYS A 316 -46.54 17.94 29.87
CA LYS A 316 -47.05 18.43 31.14
C LYS A 316 -46.86 17.39 32.24
N GLU A 317 -46.49 17.88 33.43
CA GLU A 317 -46.40 17.07 34.66
C GLU A 317 -47.47 15.99 34.77
N LYS A 318 -48.73 16.35 34.48
CA LYS A 318 -49.83 15.42 34.57
C LYS A 318 -49.67 14.20 33.65
N TYR A 319 -48.90 14.31 32.58
CA TYR A 319 -48.64 13.18 31.70
C TYR A 319 -47.24 12.64 31.84
N ASP A 320 -46.51 13.09 32.86
CA ASP A 320 -45.24 12.46 33.18
C ASP A 320 -45.39 10.94 33.24
N GLY A 321 -44.41 10.25 32.69
CA GLY A 321 -44.34 8.80 32.79
C GLY A 321 -44.89 8.03 31.61
N ILE A 322 -45.33 8.70 30.55
CA ILE A 322 -46.07 8.05 29.48
C ILE A 322 -45.28 8.02 28.19
N ALA A 323 -44.01 8.39 28.23
CA ALA A 323 -43.11 8.30 27.07
C ALA A 323 -42.45 6.92 27.01
N ILE A 324 -41.81 6.64 25.87
CA ILE A 324 -41.14 5.35 25.70
C ILE A 324 -39.91 5.22 26.59
N SER A 325 -39.28 6.34 26.93
CA SER A 325 -38.18 6.32 27.88
C SER A 325 -38.65 5.81 29.24
N ASP A 326 -39.88 6.18 29.64
CA ASP A 326 -40.47 5.70 30.88
C ASP A 326 -40.81 4.21 30.81
N HIS A 327 -40.92 3.66 29.61
CA HIS A 327 -41.26 2.26 29.43
C HIS A 327 -40.03 1.37 29.46
N ILE A 328 -38.88 1.90 29.05
CA ILE A 328 -37.62 1.15 29.10
C ILE A 328 -36.89 1.37 30.43
N TYR A 329 -36.72 2.63 30.87
CA TYR A 329 -36.01 2.91 32.11
C TYR A 329 -36.99 3.13 33.26
N ASN A 330 -36.56 2.80 34.47
CA ASN A 330 -37.30 3.24 35.62
C ASN A 330 -36.82 4.64 36.02
N GLU A 331 -37.43 5.21 37.05
CA GLU A 331 -37.00 6.52 37.52
CA GLU A 331 -37.01 6.51 37.54
C GLU A 331 -35.56 6.50 38.01
N LYS A 332 -35.00 5.32 38.27
CA LYS A 332 -33.62 5.22 38.71
C LYS A 332 -32.66 4.90 37.58
N GLY A 333 -33.13 4.83 36.34
CA GLY A 333 -32.25 4.54 35.23
C GLY A 333 -32.01 3.07 34.94
N GLN A 334 -32.59 2.16 35.72
CA GLN A 334 -32.44 0.74 35.44
C GLN A 334 -33.49 0.28 34.43
N ILE A 335 -33.11 -0.68 33.60
CA ILE A 335 -34.08 -1.22 32.65
C ILE A 335 -35.19 -1.93 33.40
N ARG A 336 -36.43 -1.57 33.06
CA ARG A 336 -37.60 -2.21 33.68
C ARG A 336 -37.63 -3.72 33.43
N LYS A 337 -37.83 -4.49 34.48
CA LYS A 337 -38.04 -5.92 34.30
C LYS A 337 -39.35 -6.21 33.57
N ARG A 338 -40.34 -5.32 33.68
N ARG A 338 -40.34 -5.32 33.68
CA ARG A 338 -41.58 -5.49 32.95
CA ARG A 338 -41.58 -5.47 32.96
C ARG A 338 -41.34 -5.42 31.45
C ARG A 338 -41.35 -5.42 31.45
N ALA A 339 -40.52 -4.47 31.00
CA ALA A 339 -40.20 -4.36 29.58
C ALA A 339 -39.45 -5.59 29.11
N ILE A 340 -38.57 -6.13 29.97
CA ILE A 340 -37.84 -7.32 29.56
C ILE A 340 -38.81 -8.50 29.49
N ALA A 341 -39.85 -8.48 30.32
CA ALA A 341 -40.78 -9.59 30.34
C ALA A 341 -41.65 -9.58 29.10
N SER A 342 -42.11 -8.39 28.70
CA SER A 342 -42.89 -8.25 27.48
C SER A 342 -42.07 -8.58 26.25
N TYR A 343 -40.75 -8.41 26.32
CA TYR A 343 -39.95 -8.61 25.13
C TYR A 343 -39.60 -10.08 24.94
N LEU A 344 -39.16 -10.73 26.02
CA LEU A 344 -38.68 -12.11 25.98
C LEU A 344 -39.83 -13.11 25.91
N LEU A 345 -40.92 -12.86 26.62
CA LEU A 345 -42.09 -13.73 26.56
C LEU A 345 -42.99 -13.43 25.37
N GLY A 346 -43.02 -12.21 24.86
CA GLY A 346 -44.08 -11.91 23.90
C GLY A 346 -43.67 -11.20 22.63
N GLY A 347 -42.41 -10.81 22.54
CA GLY A 347 -41.99 -9.99 21.41
C GLY A 347 -42.72 -8.68 21.35
N ARG A 348 -43.03 -8.11 22.51
CA ARG A 348 -43.80 -6.88 22.61
C ARG A 348 -43.08 -5.92 23.53
N GLY A 349 -43.53 -4.67 23.50
CA GLY A 349 -43.08 -3.70 24.47
C GLY A 349 -41.99 -2.78 23.95
N GLY A 350 -41.53 -1.92 24.87
CA GLY A 350 -40.61 -0.86 24.49
C GLY A 350 -39.37 -1.30 23.74
N LEU A 351 -38.86 -2.51 24.03
CA LEU A 351 -37.59 -2.92 23.44
C LEU A 351 -37.72 -3.35 21.98
N THR A 352 -38.93 -3.48 21.45
CA THR A 352 -39.08 -3.76 20.04
C THR A 352 -38.95 -2.51 19.19
N SER A 353 -38.74 -1.36 19.80
CA SER A 353 -38.83 -0.09 19.11
C SER A 353 -37.46 0.55 19.03
N THR A 354 -37.12 0.98 17.82
CA THR A 354 -36.05 1.93 17.54
C THR A 354 -36.50 3.38 17.71
N GLY A 355 -37.79 3.57 17.97
CA GLY A 355 -38.33 4.81 18.48
C GLY A 355 -39.01 5.64 17.42
N CYS A 356 -38.40 5.71 16.24
CA CYS A 356 -38.80 6.68 15.21
C CYS A 356 -39.66 6.05 14.12
N ASP A 357 -40.62 5.18 14.45
CA ASP A 357 -41.33 4.38 13.45
C ASP A 357 -42.74 4.90 13.13
N ARG A 358 -43.13 6.04 13.68
CA ARG A 358 -44.29 6.75 13.20
C ARG A 358 -43.84 8.07 12.59
N GLY A 359 -44.51 8.48 11.53
CA GLY A 359 -44.07 9.73 10.94
C GLY A 359 -44.91 10.16 9.77
N ALA A 360 -44.30 10.87 8.84
CA ALA A 360 -45.05 11.40 7.70
C ALA A 360 -44.10 11.83 6.59
N PHE A 361 -44.67 11.96 5.41
CA PHE A 361 -44.01 12.56 4.27
C PHE A 361 -44.86 13.75 3.87
N VAL A 362 -44.23 14.91 3.72
CA VAL A 362 -44.92 16.17 3.54
C VAL A 362 -44.29 16.92 2.37
N ARG A 363 -45.13 17.53 1.56
CA ARG A 363 -44.68 18.53 0.60
C ARG A 363 -44.66 19.89 1.30
N THR A 364 -43.48 20.53 1.31
CA THR A 364 -43.32 21.86 1.90
C THR A 364 -43.62 23.01 0.96
N ALA A 365 -43.45 22.82 -0.35
CA ALA A 365 -43.58 23.88 -1.32
C ALA A 365 -43.96 23.25 -2.66
N GLY A 366 -45.21 22.79 -2.77
CA GLY A 366 -45.73 22.16 -3.98
C GLY A 366 -44.83 21.29 -4.85
N GLN A 367 -43.94 20.50 -4.25
CA GLN A 367 -43.00 19.72 -5.03
C GLN A 367 -43.65 18.49 -5.66
N ALA A 368 -42.97 17.98 -6.69
CA ALA A 368 -43.41 16.78 -7.40
C ALA A 368 -43.67 15.64 -6.43
N LEU A 369 -42.68 15.37 -5.58
CA LEU A 369 -42.72 14.33 -4.57
C LEU A 369 -42.33 14.98 -3.25
N PRO A 370 -42.79 14.45 -2.13
CA PRO A 370 -42.46 15.04 -0.83
C PRO A 370 -40.97 15.37 -0.68
N ASP A 371 -40.68 16.53 -0.08
CA ASP A 371 -39.30 16.85 0.26
C ASP A 371 -38.97 16.66 1.74
N LEU A 372 -39.98 16.56 2.61
CA LEU A 372 -39.78 16.46 4.03
C LEU A 372 -40.24 15.09 4.51
N GLN A 373 -39.43 14.43 5.35
CA GLN A 373 -39.89 13.27 6.09
C GLN A 373 -39.79 13.61 7.56
N VAL A 374 -40.91 13.61 8.22
CA VAL A 374 -40.97 13.73 9.66
C VAL A 374 -40.83 12.36 10.30
N ARG A 375 -40.05 12.26 11.38
CA ARG A 375 -40.10 11.09 12.24
C ARG A 375 -40.48 11.51 13.66
N PHE A 376 -41.64 11.05 14.13
CA PHE A 376 -42.11 11.33 15.48
C PHE A 376 -41.67 10.23 16.43
N VAL A 377 -41.22 10.64 17.61
CA VAL A 377 -40.63 9.77 18.62
C VAL A 377 -41.23 10.13 19.97
N PRO A 378 -41.96 9.25 20.61
CA PRO A 378 -42.58 9.65 21.88
C PRO A 378 -41.53 9.65 22.98
N GLY A 379 -40.36 10.19 22.68
CA GLY A 379 -39.34 10.43 23.69
C GLY A 379 -38.72 11.80 23.49
N MET A 380 -38.19 12.35 24.58
CA MET A 380 -37.72 13.75 24.61
C MET A 380 -36.21 13.76 24.50
N ALA A 381 -35.72 14.35 23.40
CA ALA A 381 -34.29 14.54 23.20
C ALA A 381 -33.72 15.52 24.21
N LEU A 382 -32.42 15.36 24.49
CA LEU A 382 -31.74 16.24 25.42
C LEU A 382 -30.54 16.94 24.78
N ASP A 383 -30.44 16.92 23.47
CA ASP A 383 -29.37 17.40 22.61
C ASP A 383 -29.95 17.53 21.20
N PRO A 384 -29.80 18.66 20.52
CA PRO A 384 -30.44 18.81 19.20
C PRO A 384 -29.89 17.88 18.15
N ASP A 385 -28.71 17.30 18.38
CA ASP A 385 -28.18 16.22 17.56
C ASP A 385 -28.85 14.93 18.00
N GLY A 386 -29.77 14.42 17.20
CA GLY A 386 -30.54 13.25 17.62
C GLY A 386 -29.69 12.00 17.74
N VAL A 387 -28.58 11.93 17.02
CA VAL A 387 -27.76 10.74 17.14
C VAL A 387 -27.03 10.76 18.47
N SER A 388 -26.46 11.93 18.83
CA SER A 388 -25.83 12.06 20.13
C SER A 388 -26.81 11.82 21.27
N THR A 389 -28.09 12.12 21.06
CA THR A 389 -29.03 11.86 22.13
C THR A 389 -29.17 10.38 22.40
N TYR A 390 -29.21 9.57 21.33
CA TYR A 390 -29.31 8.13 21.53
C TYR A 390 -28.07 7.60 22.23
N VAL A 391 -26.88 8.04 21.81
CA VAL A 391 -25.67 7.65 22.52
C VAL A 391 -25.82 7.99 23.98
N ARG A 392 -26.36 9.19 24.26
CA ARG A 392 -26.50 9.65 25.63
C ARG A 392 -27.50 8.79 26.39
N PHE A 393 -28.62 8.45 25.74
CA PHE A 393 -29.62 7.60 26.37
C PHE A 393 -29.01 6.29 26.84
N ALA A 394 -28.05 5.75 26.07
CA ALA A 394 -27.38 4.51 26.45
C ALA A 394 -26.61 4.68 27.75
N LYS A 395 -25.70 5.67 27.78
CA LYS A 395 -24.90 5.96 28.98
C LYS A 395 -25.74 6.40 30.18
N PHE A 396 -27.00 6.77 29.97
CA PHE A 396 -27.86 7.19 31.08
C PHE A 396 -28.26 6.02 31.97
N GLN A 397 -28.11 4.78 31.50
CA GLN A 397 -28.57 3.64 32.27
C GLN A 397 -27.79 3.46 33.56
N SER A 398 -28.53 3.33 34.65
CA SER A 398 -28.11 3.02 36.01
C SER A 398 -27.52 4.22 36.75
N GLN A 399 -27.27 5.35 36.08
CA GLN A 399 -26.78 6.57 36.75
C GLN A 399 -27.65 6.97 37.92
N GLY A 400 -28.95 6.70 37.85
CA GLY A 400 -29.84 7.03 38.94
C GLY A 400 -30.71 8.24 38.71
N LEU A 401 -30.76 8.77 37.49
CA LEU A 401 -31.60 9.91 37.16
C LEU A 401 -32.83 9.43 36.38
N LYS A 402 -33.87 10.25 36.36
CA LYS A 402 -35.06 9.94 35.58
C LYS A 402 -35.00 10.74 34.30
N TRP A 403 -35.00 10.07 33.16
CA TRP A 403 -35.01 10.78 31.89
C TRP A 403 -36.36 11.46 31.71
N PRO A 404 -36.39 12.74 31.36
CA PRO A 404 -37.67 13.48 31.40
C PRO A 404 -38.58 12.97 30.30
N SER A 405 -39.88 12.96 30.59
CA SER A 405 -40.86 12.53 29.60
C SER A 405 -41.10 13.63 28.58
N GLY A 406 -41.30 13.23 27.32
CA GLY A 406 -41.60 14.19 26.27
C GLY A 406 -41.54 13.55 24.89
N ILE A 407 -41.60 14.40 23.86
CA ILE A 407 -41.64 13.94 22.49
C ILE A 407 -40.55 14.61 21.65
N THR A 408 -40.37 14.08 20.44
CA THR A 408 -39.42 14.60 19.47
C THR A 408 -39.99 14.39 18.07
N MET A 409 -39.98 15.44 17.29
CA MET A 409 -40.22 15.34 15.85
C MET A 409 -38.87 15.53 15.20
N GLN A 410 -38.34 14.46 14.62
CA GLN A 410 -37.14 14.55 13.81
C GLN A 410 -37.55 14.89 12.38
N LEU A 411 -36.85 15.87 11.79
CA LEU A 411 -37.19 16.42 10.49
C LEU A 411 -36.04 16.14 9.54
N ILE A 412 -36.36 15.75 8.32
CA ILE A 412 -35.40 15.09 7.43
C ILE A 412 -35.71 15.52 6.01
N ALA A 413 -34.66 15.70 5.23
CA ALA A 413 -34.79 16.14 3.86
C ALA A 413 -34.63 14.87 3.05
N CYS A 414 -35.77 14.19 2.88
CA CYS A 414 -35.78 12.83 2.36
C CYS A 414 -35.38 12.73 0.90
N ARG A 415 -35.45 13.83 0.14
CA ARG A 415 -35.03 13.90 -1.26
C ARG A 415 -34.14 15.13 -1.44
N PRO A 416 -32.96 15.12 -0.82
CA PRO A 416 -32.12 16.33 -0.80
C PRO A 416 -31.49 16.64 -2.15
N GLN A 417 -31.20 17.92 -2.36
N GLN A 417 -31.19 17.92 -2.35
CA GLN A 417 -30.52 18.38 -3.56
CA GLN A 417 -30.52 18.40 -3.55
C GLN A 417 -29.02 18.63 -3.36
C GLN A 417 -29.02 18.58 -3.36
N SER A 418 -28.52 18.51 -2.13
CA SER A 418 -27.08 18.56 -1.90
C SER A 418 -26.43 17.22 -2.21
N THR A 419 -25.17 17.28 -2.65
CA THR A 419 -24.37 16.08 -2.87
C THR A 419 -23.00 16.24 -2.22
N GLY A 420 -22.38 15.09 -1.92
CA GLY A 420 -21.12 15.04 -1.19
C GLY A 420 -19.98 14.40 -1.95
N SER A 421 -19.06 13.74 -1.24
CA SER A 421 -17.88 13.18 -1.89
C SER A 421 -17.10 12.31 -0.89
N VAL A 422 -16.40 11.30 -1.44
CA VAL A 422 -15.61 10.34 -0.66
CA VAL A 422 -15.61 10.34 -0.66
C VAL A 422 -14.24 10.23 -1.30
N GLY A 423 -13.20 10.49 -0.51
CA GLY A 423 -11.87 10.55 -1.10
C GLY A 423 -10.75 9.90 -0.32
N LEU A 424 -9.52 10.14 -0.79
CA LEU A 424 -8.32 9.62 -0.17
C LEU A 424 -7.64 10.70 0.64
N LYS A 425 -7.30 10.35 1.89
CA LYS A 425 -6.59 11.25 2.79
C LYS A 425 -5.18 10.75 3.11
N SER A 426 -4.94 9.45 2.98
CA SER A 426 -3.64 8.85 3.22
C SER A 426 -3.37 7.80 2.16
N ALA A 427 -2.12 7.33 2.12
CA ALA A 427 -1.80 6.11 1.38
C ALA A 427 -2.00 4.85 2.22
N ASP A 428 -2.08 4.99 3.55
CA ASP A 428 -2.41 3.91 4.48
C ASP A 428 -3.81 3.37 4.19
N PRO A 429 -3.92 2.15 3.64
CA PRO A 429 -5.23 1.65 3.21
C PRO A 429 -6.12 1.27 4.39
N PHE A 430 -5.67 1.54 5.62
CA PHE A 430 -6.48 1.36 6.82
C PHE A 430 -6.80 2.69 7.49
N ALA A 431 -6.68 3.81 6.75
CA ALA A 431 -6.94 5.14 7.29
C ALA A 431 -8.40 5.54 7.09
N PRO A 432 -8.92 6.44 7.90
CA PRO A 432 -10.28 6.97 7.67
C PRO A 432 -10.31 7.80 6.40
N PRO A 433 -11.32 7.57 5.54
CA PRO A 433 -11.37 8.28 4.26
C PRO A 433 -11.74 9.75 4.45
N LYS A 434 -11.51 10.52 3.39
CA LYS A 434 -11.89 11.93 3.36
C LYS A 434 -13.38 11.99 3.03
N LEU A 435 -14.19 12.25 4.06
CA LEU A 435 -15.64 12.17 4.00
C LEU A 435 -16.24 13.55 4.17
N SER A 436 -17.01 14.01 3.18
CA SER A 436 -17.67 15.30 3.25
C SER A 436 -19.13 15.16 2.84
N PRO A 437 -20.06 15.18 3.80
CA PRO A 437 -21.47 15.00 3.43
C PRO A 437 -21.99 16.12 2.56
N GLY A 438 -21.56 17.35 2.81
CA GLY A 438 -21.96 18.46 1.98
C GLY A 438 -23.39 18.90 2.16
N TYR A 439 -24.00 18.60 3.32
CA TYR A 439 -25.34 19.08 3.58
C TYR A 439 -25.40 20.59 3.46
N LEU A 440 -26.47 21.08 2.84
CA LEU A 440 -26.80 22.49 2.72
C LEU A 440 -25.93 23.22 1.72
N THR A 441 -25.45 22.51 0.70
CA THR A 441 -24.61 23.12 -0.32
C THR A 441 -25.27 23.17 -1.69
N ASP A 442 -26.48 22.63 -1.86
CA ASP A 442 -27.17 22.78 -3.14
C ASP A 442 -27.30 24.27 -3.47
N LYS A 443 -27.24 24.60 -4.76
CA LYS A 443 -27.03 26.00 -5.12
C LYS A 443 -28.23 26.89 -4.87
N ASP A 444 -29.41 26.32 -4.61
CA ASP A 444 -30.60 27.11 -4.37
C ASP A 444 -30.94 27.25 -2.90
N GLY A 445 -30.18 26.62 -2.01
CA GLY A 445 -30.56 26.65 -0.60
C GLY A 445 -31.83 25.88 -0.30
N ALA A 446 -32.16 24.86 -1.12
CA ALA A 446 -33.43 24.14 -1.03
C ALA A 446 -33.47 23.13 0.13
N ASP A 447 -32.37 22.39 0.33
CA ASP A 447 -32.27 21.50 1.49
C ASP A 447 -32.46 22.26 2.79
N LEU A 448 -31.74 23.38 2.96
CA LEU A 448 -31.94 24.22 4.15
C LEU A 448 -33.38 24.72 4.21
N ALA A 449 -33.95 25.09 3.06
CA ALA A 449 -35.30 25.61 3.06
C ALA A 449 -36.30 24.54 3.45
N THR A 450 -36.10 23.29 2.97
CA THR A 450 -36.90 22.15 3.43
C THR A 450 -36.79 21.96 4.94
N LEU A 451 -35.62 22.17 5.52
CA LEU A 451 -35.49 21.90 6.94
C LEU A 451 -36.04 23.03 7.80
N ARG A 452 -35.78 24.29 7.41
CA ARG A 452 -36.45 25.40 8.06
C ARG A 452 -37.97 25.21 8.03
N LYS A 453 -38.54 25.04 6.84
CA LYS A 453 -39.99 24.86 6.73
C LYS A 453 -40.52 23.65 7.49
N GLY A 454 -39.70 22.62 7.75
CA GLY A 454 -40.14 21.54 8.62
C GLY A 454 -40.25 21.97 10.08
N ILE A 455 -39.35 22.86 10.51
CA ILE A 455 -39.41 23.41 11.85
C ILE A 455 -40.70 24.16 12.06
N HIS A 456 -41.06 25.03 11.12
CA HIS A 456 -42.36 25.68 11.20
C HIS A 456 -43.45 24.62 11.19
N TRP A 457 -43.34 23.66 10.28
CA TRP A 457 -44.31 22.58 10.25
C TRP A 457 -44.39 21.86 11.59
N ALA A 458 -43.23 21.49 12.16
CA ALA A 458 -43.27 20.76 13.42
C ALA A 458 -43.91 21.60 14.53
N ARG A 459 -43.63 22.90 14.53
CA ARG A 459 -44.22 23.74 15.55
C ARG A 459 -45.73 23.84 15.39
N ASP A 460 -46.23 23.88 14.13
CA ASP A 460 -47.68 23.89 13.91
C ASP A 460 -48.32 22.66 14.51
N VAL A 461 -47.74 21.50 14.20
CA VAL A 461 -48.26 20.25 14.74
C VAL A 461 -48.24 20.30 16.25
N ALA A 462 -47.14 20.78 16.84
CA ALA A 462 -47.06 20.80 18.30
C ALA A 462 -47.97 21.86 18.87
N ARG A 463 -48.31 22.87 18.10
CA ARG A 463 -49.25 23.85 18.59
C ARG A 463 -50.71 23.39 18.51
N SER A 464 -50.98 22.31 17.78
CA SER A 464 -52.35 21.87 17.54
CA SER A 464 -52.35 21.87 17.54
C SER A 464 -53.07 21.60 18.86
N SER A 465 -54.39 21.38 18.76
CA SER A 465 -55.15 21.07 19.97
C SER A 465 -54.82 19.65 20.46
N ALA A 466 -54.54 18.74 19.53
CA ALA A 466 -54.26 17.36 19.88
C ALA A 466 -52.99 17.24 20.70
N LEU A 467 -51.95 17.96 20.32
CA LEU A 467 -50.67 17.85 21.01
C LEU A 467 -50.48 18.88 22.12
N SER A 468 -51.12 20.05 22.02
N SER A 468 -51.13 20.04 22.04
CA SER A 468 -51.00 21.05 23.08
CA SER A 468 -50.93 21.02 23.10
C SER A 468 -51.49 20.51 24.40
C SER A 468 -51.54 20.56 24.42
N GLU A 469 -52.50 19.63 24.38
CA GLU A 469 -53.02 19.07 25.61
C GLU A 469 -51.92 18.36 26.39
N TYR A 470 -51.01 17.72 25.68
CA TYR A 470 -49.92 16.97 26.29
C TYR A 470 -48.64 17.77 26.50
N LEU A 471 -48.37 18.80 25.68
CA LEU A 471 -47.06 19.44 25.74
C LEU A 471 -47.06 20.65 26.67
N ASP A 472 -45.84 21.03 27.08
CA ASP A 472 -45.61 22.14 27.99
C ASP A 472 -44.34 22.86 27.51
N GLY A 473 -44.48 23.69 26.48
CA GLY A 473 -43.35 24.45 26.00
C GLY A 473 -42.58 23.73 24.92
N GLU A 474 -41.33 24.14 24.76
CA GLU A 474 -40.51 23.66 23.66
C GLU A 474 -39.05 23.72 24.09
N LEU A 475 -38.36 22.59 24.16
CA LEU A 475 -36.95 22.67 24.53
C LEU A 475 -36.08 23.07 23.35
N PHE A 476 -36.25 22.40 22.20
CA PHE A 476 -35.39 22.56 21.03
C PHE A 476 -36.20 22.86 19.78
N PRO A 477 -35.79 23.84 18.95
CA PRO A 477 -34.75 24.83 19.18
C PRO A 477 -35.08 25.65 20.42
N GLY A 478 -36.35 25.87 20.68
CA GLY A 478 -36.75 26.59 21.87
C GLY A 478 -37.27 27.98 21.58
N SER A 479 -37.60 28.66 22.69
CA SER A 479 -38.32 29.93 22.63
C SER A 479 -37.45 31.07 22.11
N GLY A 480 -36.13 30.99 22.28
CA GLY A 480 -35.28 32.00 21.72
C GLY A 480 -35.32 32.06 20.20
N VAL A 481 -35.50 30.90 19.55
CA VAL A 481 -35.21 30.78 18.13
C VAL A 481 -36.50 31.04 17.36
N VAL A 482 -36.66 32.28 16.90
CA VAL A 482 -37.92 32.75 16.33
C VAL A 482 -37.79 33.06 14.85
N SER A 483 -36.78 33.84 14.47
CA SER A 483 -36.72 34.30 13.07
C SER A 483 -36.12 33.21 12.19
N ASP A 484 -36.40 33.31 10.89
CA ASP A 484 -35.88 32.33 9.93
C ASP A 484 -34.36 32.23 10.02
N ASP A 485 -33.66 33.37 9.97
CA ASP A 485 -32.20 33.42 10.14
C ASP A 485 -31.76 32.66 11.40
N GLN A 486 -32.53 32.75 12.47
CA GLN A 486 -32.18 32.03 13.69
C GLN A 486 -32.41 30.53 13.51
N ILE A 487 -33.52 30.17 12.86
CA ILE A 487 -33.81 28.76 12.59
C ILE A 487 -32.71 28.13 11.76
N ASP A 488 -32.21 28.85 10.76
CA ASP A 488 -31.17 28.31 9.89
C ASP A 488 -29.88 28.06 10.67
N GLU A 489 -29.48 29.03 11.49
CA GLU A 489 -28.30 28.85 12.34
C GLU A 489 -28.48 27.69 13.31
N TYR A 490 -29.71 27.49 13.81
CA TYR A 490 -29.93 26.31 14.64
C TYR A 490 -29.79 25.05 13.80
N ILE A 491 -30.39 25.05 12.61
CA ILE A 491 -30.26 23.90 11.71
C ILE A 491 -28.79 23.58 11.45
N ARG A 492 -27.96 24.61 11.27
CA ARG A 492 -26.57 24.39 10.88
CA ARG A 492 -26.57 24.39 10.88
C ARG A 492 -25.77 23.73 12.01
N ARG A 493 -25.99 24.13 13.26
N ARG A 493 -26.00 24.12 13.25
CA ARG A 493 -25.24 23.58 14.36
CA ARG A 493 -25.23 23.59 14.36
C ARG A 493 -25.96 22.42 15.05
C ARG A 493 -25.80 22.29 14.91
N SER A 494 -26.92 21.81 14.38
CA SER A 494 -27.62 20.64 14.89
C SER A 494 -27.89 19.59 13.84
N ILE A 495 -27.63 19.90 12.57
CA ILE A 495 -27.87 18.95 11.51
C ILE A 495 -27.10 17.67 11.79
N HIS A 496 -27.80 16.55 11.72
CA HIS A 496 -27.17 15.24 11.83
C HIS A 496 -27.66 14.31 10.72
N SER A 497 -26.84 13.30 10.43
CA SER A 497 -27.19 12.32 9.41
C SER A 497 -28.36 11.45 9.86
N SER A 498 -29.33 11.24 8.99
CA SER A 498 -30.32 10.23 9.27
C SER A 498 -29.91 8.87 8.72
N ASN A 499 -28.68 8.76 8.22
CA ASN A 499 -28.02 7.51 7.90
C ASN A 499 -28.59 6.81 6.67
N ALA A 500 -28.48 7.47 5.51
CA ALA A 500 -28.69 6.80 4.25
C ALA A 500 -27.32 6.59 3.62
N ILE A 501 -26.86 7.48 2.74
CA ILE A 501 -25.56 7.50 2.05
C ILE A 501 -25.59 6.61 0.80
N THR A 502 -25.69 7.24 -0.37
CA THR A 502 -25.84 6.54 -1.64
C THR A 502 -25.07 7.28 -2.73
N GLY A 503 -24.86 6.59 -3.84
CA GLY A 503 -24.53 7.28 -5.08
C GLY A 503 -23.06 7.42 -5.41
N THR A 504 -22.16 6.99 -4.53
CA THR A 504 -20.74 7.26 -4.74
C THR A 504 -20.14 6.49 -5.92
N CYS A 505 -20.84 5.47 -6.45
CA CYS A 505 -20.43 4.77 -7.68
C CYS A 505 -21.68 4.58 -8.52
N LYS A 506 -22.26 5.67 -9.01
CA LYS A 506 -23.59 5.60 -9.60
C LYS A 506 -23.56 4.92 -10.97
N MET A 507 -24.66 4.25 -11.30
CA MET A 507 -24.87 3.65 -12.61
C MET A 507 -25.51 4.63 -13.58
N GLY A 508 -25.34 4.35 -14.87
CA GLY A 508 -25.93 5.24 -15.86
C GLY A 508 -25.87 4.67 -17.24
N ASN A 509 -26.48 5.42 -18.16
CA ASN A 509 -26.52 5.06 -19.58
C ASN A 509 -25.11 5.00 -20.18
N ALA A 510 -25.03 4.31 -21.31
CA ALA A 510 -23.82 4.35 -22.13
C ALA A 510 -23.63 5.76 -22.67
N GLY A 511 -22.47 6.34 -22.44
CA GLY A 511 -22.26 7.73 -22.75
C GLY A 511 -22.59 8.67 -21.61
N ASP A 512 -22.80 8.14 -20.41
CA ASP A 512 -22.83 8.95 -19.18
C ASP A 512 -21.40 8.98 -18.68
N SER A 513 -20.67 10.04 -19.03
CA SER A 513 -19.30 10.19 -18.58
C SER A 513 -19.21 10.40 -17.08
N SER A 514 -20.29 10.88 -16.45
CA SER A 514 -20.33 11.05 -15.00
C SER A 514 -20.60 9.75 -14.26
N SER A 515 -20.99 8.69 -14.97
CA SER A 515 -21.38 7.43 -14.37
C SER A 515 -20.17 6.53 -14.15
N VAL A 516 -20.31 5.60 -13.23
CA VAL A 516 -19.24 4.71 -12.82
C VAL A 516 -19.53 3.27 -13.22
N VAL A 517 -20.74 2.80 -12.97
CA VAL A 517 -21.09 1.44 -13.34
C VAL A 517 -22.20 1.48 -14.38
N ASP A 518 -22.32 0.41 -15.15
CA ASP A 518 -23.36 0.34 -16.17
C ASP A 518 -24.61 -0.31 -15.58
N ASN A 519 -25.68 -0.39 -16.37
CA ASN A 519 -26.95 -0.91 -15.88
C ASN A 519 -26.88 -2.37 -15.44
N GLN A 520 -25.77 -3.07 -15.68
CA GLN A 520 -25.55 -4.41 -15.12
C GLN A 520 -24.50 -4.41 -14.04
N LEU A 521 -24.19 -3.22 -13.50
CA LEU A 521 -23.37 -2.98 -12.33
C LEU A 521 -21.90 -3.29 -12.55
N ARG A 522 -21.47 -3.64 -13.75
CA ARG A 522 -20.04 -3.78 -14.02
C ARG A 522 -19.44 -2.41 -14.37
N VAL A 523 -18.23 -2.17 -13.93
CA VAL A 523 -17.64 -0.84 -13.98
C VAL A 523 -16.87 -0.64 -15.28
N HIS A 524 -16.90 0.60 -15.77
CA HIS A 524 -16.40 0.97 -17.10
C HIS A 524 -14.89 0.83 -17.18
N GLY A 525 -14.43 -0.12 -18.01
CA GLY A 525 -13.02 -0.27 -18.25
C GLY A 525 -12.31 -1.23 -17.32
N VAL A 526 -13.02 -2.16 -16.68
CA VAL A 526 -12.39 -3.22 -15.91
C VAL A 526 -13.11 -4.53 -16.22
N GLU A 527 -12.36 -5.62 -16.21
CA GLU A 527 -12.93 -6.94 -16.46
C GLU A 527 -13.10 -7.64 -15.13
N GLY A 528 -14.21 -8.36 -14.98
CA GLY A 528 -14.46 -9.06 -13.74
C GLY A 528 -14.65 -8.16 -12.54
N LEU A 529 -15.10 -6.93 -12.76
CA LEU A 529 -15.37 -6.02 -11.65
C LEU A 529 -16.80 -5.54 -11.74
N ARG A 530 -17.53 -5.67 -10.63
CA ARG A 530 -18.90 -5.17 -10.51
C ARG A 530 -19.05 -4.53 -9.14
N VAL A 531 -20.04 -3.64 -9.02
CA VAL A 531 -20.39 -3.02 -7.75
C VAL A 531 -21.88 -3.22 -7.54
N VAL A 532 -22.22 -3.81 -6.39
CA VAL A 532 -23.62 -4.05 -6.02
C VAL A 532 -23.71 -3.70 -4.54
N ASP A 533 -23.99 -2.44 -4.26
CA ASP A 533 -24.34 -1.96 -2.93
C ASP A 533 -24.93 -0.56 -3.10
N ALA A 534 -25.12 0.16 -1.99
CA ALA A 534 -25.89 1.40 -2.08
C ALA A 534 -25.22 2.44 -2.99
N SER A 535 -23.92 2.28 -3.28
CA SER A 535 -23.22 3.25 -4.11
CA SER A 535 -23.21 3.25 -4.12
C SER A 535 -23.79 3.36 -5.52
N VAL A 536 -24.39 2.28 -6.04
CA VAL A 536 -24.85 2.33 -7.42
C VAL A 536 -26.09 3.19 -7.59
N VAL A 537 -26.70 3.65 -6.50
CA VAL A 537 -27.97 4.37 -6.51
C VAL A 537 -27.80 5.74 -7.16
N PRO A 538 -28.43 6.00 -8.29
CA PRO A 538 -28.14 7.24 -9.02
C PRO A 538 -28.85 8.45 -8.44
N LYS A 539 -30.05 8.28 -7.91
CA LYS A 539 -30.73 9.31 -7.15
C LYS A 539 -31.23 8.65 -5.87
N ILE A 540 -31.04 9.31 -4.76
CA ILE A 540 -31.50 8.72 -3.49
C ILE A 540 -33.03 8.69 -3.49
N PRO A 541 -33.66 7.55 -3.16
CA PRO A 541 -35.13 7.51 -3.08
C PRO A 541 -35.63 8.21 -1.81
N GLY A 542 -36.94 8.47 -1.80
CA GLY A 542 -37.57 9.17 -0.69
C GLY A 542 -37.88 8.30 0.51
N GLY A 543 -36.88 8.01 1.33
CA GLY A 543 -37.05 7.08 2.42
C GLY A 543 -35.72 6.47 2.82
N GLN A 544 -35.77 5.67 3.88
CA GLN A 544 -34.58 5.00 4.34
C GLN A 544 -34.18 3.91 3.35
N THR A 545 -32.87 3.79 3.12
CA THR A 545 -32.31 3.18 1.91
C THR A 545 -32.01 1.69 2.04
N GLY A 546 -32.35 1.08 3.17
CA GLY A 546 -32.07 -0.33 3.32
C GLY A 546 -32.74 -1.19 2.26
N ALA A 547 -34.07 -1.15 2.20
CA ALA A 547 -34.79 -2.05 1.31
C ALA A 547 -34.34 -1.98 -0.14
N PRO A 548 -34.07 -0.79 -0.73
CA PRO A 548 -33.58 -0.76 -2.11
C PRO A 548 -32.20 -1.39 -2.28
N VAL A 549 -31.35 -1.37 -1.25
CA VAL A 549 -30.10 -2.11 -1.33
C VAL A 549 -30.39 -3.59 -1.61
N VAL A 550 -31.26 -4.20 -0.81
CA VAL A 550 -31.63 -5.60 -1.02
C VAL A 550 -32.14 -5.80 -2.44
N MET A 551 -33.02 -4.90 -2.88
CA MET A 551 -33.62 -5.04 -4.20
C MET A 551 -32.56 -5.04 -5.29
N ILE A 552 -31.63 -4.07 -5.22
CA ILE A 552 -30.46 -4.09 -6.09
C ILE A 552 -29.75 -5.43 -5.98
N ALA A 553 -29.55 -5.90 -4.74
CA ALA A 553 -28.76 -7.10 -4.52
C ALA A 553 -29.45 -8.36 -5.07
N GLU A 554 -30.74 -8.53 -4.76
CA GLU A 554 -31.49 -9.62 -5.35
C GLU A 554 -31.49 -9.54 -6.88
N ARG A 555 -31.49 -8.33 -7.43
CA ARG A 555 -31.57 -8.19 -8.88
C ARG A 555 -30.25 -8.62 -9.54
N ALA A 556 -29.14 -7.97 -9.20
CA ALA A 556 -27.85 -8.37 -9.73
C ALA A 556 -27.62 -9.87 -9.60
N ALA A 557 -27.91 -10.41 -8.41
CA ALA A 557 -27.76 -11.84 -8.14
C ALA A 557 -28.43 -12.69 -9.23
N ALA A 558 -29.73 -12.48 -9.44
CA ALA A 558 -30.45 -13.20 -10.48
C ALA A 558 -29.79 -12.98 -11.84
N LEU A 559 -29.53 -11.72 -12.21
CA LEU A 559 -28.90 -11.42 -13.49
C LEU A 559 -27.59 -12.17 -13.63
N LEU A 560 -26.76 -12.17 -12.59
CA LEU A 560 -25.49 -12.88 -12.65
C LEU A 560 -25.70 -14.36 -13.02
N THR A 561 -26.71 -15.00 -12.42
CA THR A 561 -26.94 -16.43 -12.62
C THR A 561 -28.00 -16.70 -13.68
N GLY A 562 -28.18 -15.78 -14.62
CA GLY A 562 -29.01 -16.02 -15.79
C GLY A 562 -30.45 -16.36 -15.49
N LYS A 563 -31.02 -15.80 -14.44
CA LYS A 563 -32.44 -16.01 -14.21
C LYS A 563 -33.29 -14.84 -14.67
N ALA A 564 -32.70 -13.67 -14.89
CA ALA A 564 -33.40 -12.55 -15.50
C ALA A 564 -32.36 -11.64 -16.11
N THR A 565 -32.82 -10.78 -17.02
CA THR A 565 -31.92 -9.87 -17.73
C THR A 565 -32.49 -8.46 -17.76
N ILE A 566 -31.63 -7.51 -18.10
CA ILE A 566 -31.91 -6.09 -17.95
C ILE A 566 -31.71 -5.42 -19.30
N GLY A 567 -32.61 -4.49 -19.62
CA GLY A 567 -32.65 -3.91 -20.94
C GLY A 567 -33.51 -4.75 -21.84
N SER B 1 29.92 10.02 25.68
CA SER B 1 30.69 11.26 25.78
C SER B 1 30.91 11.87 24.39
N SER B 2 30.09 11.45 23.44
CA SER B 2 30.14 11.93 22.07
C SER B 2 28.76 12.29 21.53
N PRO B 3 27.71 11.49 21.79
CA PRO B 3 26.37 11.90 21.36
C PRO B 3 25.57 12.53 22.49
N VAL B 4 26.26 12.91 23.56
CA VAL B 4 25.59 13.37 24.77
C VAL B 4 25.10 14.80 24.58
N ALA B 5 23.84 15.05 24.97
CA ALA B 5 23.17 16.34 24.84
C ALA B 5 23.35 16.94 23.45
N GLN B 6 22.93 16.16 22.44
CA GLN B 6 23.11 16.51 21.04
C GLN B 6 21.87 16.15 20.25
N LYS B 7 21.21 17.16 19.68
CA LYS B 7 20.06 16.95 18.81
C LYS B 7 20.52 17.01 17.37
N TYR B 8 20.31 15.93 16.63
CA TYR B 8 20.80 15.80 15.28
C TYR B 8 19.63 15.83 14.31
N ASP B 9 19.74 16.67 13.29
CA ASP B 9 18.75 16.70 12.22
C ASP B 9 18.79 15.43 11.40
N TYR B 10 19.95 14.76 11.33
CA TYR B 10 20.10 13.55 10.56
C TYR B 10 21.09 12.65 11.26
N ILE B 11 20.74 11.37 11.40
CA ILE B 11 21.71 10.33 11.69
C ILE B 11 21.69 9.39 10.50
N LEU B 12 22.73 9.44 9.68
CA LEU B 12 22.95 8.45 8.64
C LEU B 12 23.65 7.26 9.27
N VAL B 13 23.00 6.09 9.17
CA VAL B 13 23.51 4.84 9.73
C VAL B 13 24.50 4.23 8.74
N GLY B 14 25.77 4.14 9.11
CA GLY B 14 26.79 3.71 8.17
C GLY B 14 27.36 4.86 7.37
N GLY B 15 28.60 4.69 6.89
CA GLY B 15 29.21 5.71 6.05
C GLY B 15 29.77 5.24 4.72
N GLY B 16 28.92 4.76 3.82
CA GLY B 16 29.37 4.17 2.56
C GLY B 16 29.24 5.10 1.37
N THR B 17 29.10 4.50 0.17
CA THR B 17 28.86 5.24 -1.06
C THR B 17 27.82 6.33 -0.87
N ALA B 18 26.61 5.90 -0.51
CA ALA B 18 25.48 6.82 -0.38
C ALA B 18 25.66 7.78 0.79
N ALA B 19 25.99 7.25 1.97
CA ALA B 19 26.16 8.06 3.17
C ALA B 19 27.22 9.16 3.03
N CYS B 20 28.21 8.97 2.16
CA CYS B 20 29.24 9.99 1.97
C CYS B 20 28.71 11.14 1.12
N VAL B 21 28.01 10.79 0.04
CA VAL B 21 27.25 11.77 -0.75
C VAL B 21 26.28 12.55 0.14
N LEU B 22 25.49 11.83 0.95
CA LEU B 22 24.48 12.48 1.78
C LEU B 22 25.13 13.38 2.84
N ALA B 23 26.23 12.92 3.45
CA ALA B 23 26.88 13.70 4.49
C ALA B 23 27.50 14.98 3.94
N ASN B 24 27.89 14.98 2.67
CA ASN B 24 28.32 16.19 2.00
C ASN B 24 27.15 17.12 1.75
N ARG B 25 26.06 16.59 1.16
CA ARG B 25 24.99 17.45 0.68
C ARG B 25 24.11 17.96 1.81
N LEU B 26 23.87 17.14 2.84
CA LEU B 26 23.00 17.56 3.94
C LEU B 26 23.64 18.69 4.74
N SER B 27 24.86 18.49 5.23
CA SER B 27 25.56 19.47 6.06
C SER B 27 26.02 20.70 5.27
N ALA B 28 25.40 20.97 4.13
CA ALA B 28 26.02 21.83 3.13
C ALA B 28 25.73 23.32 3.32
N ASP B 29 24.83 23.70 4.23
CA ASP B 29 24.57 25.12 4.39
C ASP B 29 24.75 25.62 5.83
N GLY B 30 24.58 24.78 6.84
CA GLY B 30 25.03 25.21 8.15
C GLY B 30 24.06 25.01 9.29
N SER B 31 22.84 24.58 8.96
CA SER B 31 21.78 24.37 9.94
C SER B 31 21.71 22.93 10.44
N LYS B 32 21.44 21.99 9.53
CA LYS B 32 21.21 20.60 9.90
C LYS B 32 22.50 19.95 10.40
N ARG B 33 22.46 19.46 11.64
CA ARG B 33 23.57 18.69 12.21
C ARG B 33 23.49 17.27 11.68
N VAL B 34 24.55 16.82 11.02
CA VAL B 34 24.59 15.53 10.35
C VAL B 34 25.60 14.64 11.07
N LEU B 35 25.11 13.57 11.70
CA LEU B 35 25.94 12.59 12.38
C LEU B 35 25.98 11.29 11.57
N VAL B 36 27.18 10.89 11.17
CA VAL B 36 27.41 9.66 10.42
C VAL B 36 28.14 8.67 11.32
N LEU B 37 27.68 7.42 11.29
CA LEU B 37 28.20 6.40 12.19
C LEU B 37 28.66 5.22 11.33
N GLU B 38 29.97 5.01 11.28
CA GLU B 38 30.53 3.95 10.46
C GLU B 38 31.08 2.89 11.38
N ALA B 39 30.59 1.66 11.21
CA ALA B 39 31.03 0.56 12.07
C ALA B 39 32.51 0.26 11.87
N GLY B 40 33.04 0.59 10.71
CA GLY B 40 34.42 0.32 10.41
C GLY B 40 35.34 1.50 10.68
N PRO B 41 36.58 1.40 10.20
CA PRO B 41 37.59 2.41 10.50
C PRO B 41 37.68 3.48 9.43
N ASP B 42 38.52 4.47 9.71
CA ASP B 42 38.73 5.57 8.78
C ASP B 42 39.40 5.07 7.51
N ASN B 43 39.15 5.77 6.42
CA ASN B 43 39.70 5.40 5.13
C ASN B 43 41.07 6.04 5.01
N THR B 44 42.11 5.27 5.32
CA THR B 44 43.49 5.71 5.19
C THR B 44 44.42 4.69 4.54
N SER B 45 44.00 3.43 4.40
CA SER B 45 44.88 2.36 3.90
C SER B 45 45.37 2.62 2.49
N ARG B 46 46.64 2.28 2.25
CA ARG B 46 47.22 2.40 0.91
C ARG B 46 46.65 1.33 -0.04
N ASP B 47 46.20 0.18 0.48
CA ASP B 47 45.56 -0.79 -0.39
C ASP B 47 44.22 -0.30 -0.91
N VAL B 48 43.67 0.74 -0.31
CA VAL B 48 42.44 1.29 -0.86
C VAL B 48 42.76 2.26 -1.98
N LYS B 49 43.84 3.03 -1.82
CA LYS B 49 44.18 4.04 -2.82
C LYS B 49 44.54 3.41 -4.15
N ILE B 50 45.32 2.32 -4.11
CA ILE B 50 45.92 1.75 -5.32
C ILE B 50 44.93 0.74 -5.89
N PRO B 51 44.54 0.87 -7.16
CA PRO B 51 43.54 -0.06 -7.71
C PRO B 51 43.97 -1.52 -7.59
N ALA B 52 45.18 -1.85 -8.04
CA ALA B 52 45.60 -3.25 -8.08
C ALA B 52 45.58 -3.87 -6.68
N ALA B 53 45.49 -3.04 -5.63
CA ALA B 53 45.47 -3.56 -4.28
C ALA B 53 44.13 -4.14 -3.86
N ILE B 54 43.11 -4.05 -4.72
CA ILE B 54 41.84 -4.69 -4.44
C ILE B 54 42.00 -6.20 -4.18
N THR B 55 43.05 -6.82 -4.73
CA THR B 55 43.33 -8.20 -4.36
C THR B 55 43.60 -8.33 -2.87
N ARG B 56 44.22 -7.32 -2.24
CA ARG B 56 44.45 -7.37 -0.80
C ARG B 56 43.24 -6.96 0.05
N LEU B 57 42.15 -6.50 -0.59
CA LEU B 57 40.93 -6.10 0.11
C LEU B 57 39.94 -7.26 0.32
N PHE B 58 39.94 -8.29 -0.53
CA PHE B 58 39.07 -9.43 -0.22
C PHE B 58 39.60 -10.16 1.02
N ARG B 59 38.67 -10.67 1.82
CA ARG B 59 38.99 -11.43 3.03
C ARG B 59 39.99 -10.69 3.91
N SER B 60 39.72 -9.40 4.15
CA SER B 60 40.60 -8.49 4.87
C SER B 60 39.89 -7.87 6.07
N PRO B 61 40.65 -7.31 7.01
CA PRO B 61 40.04 -6.54 8.12
C PRO B 61 39.20 -5.34 7.67
N LEU B 62 39.38 -4.86 6.44
CA LEU B 62 38.55 -3.81 5.85
C LEU B 62 37.32 -4.36 5.15
N ASP B 63 37.11 -5.66 5.18
CA ASP B 63 35.93 -6.29 4.60
C ASP B 63 35.13 -6.93 5.72
N TRP B 64 33.82 -7.06 5.52
CA TRP B 64 32.94 -7.63 6.54
C TRP B 64 33.16 -9.12 6.74
N ASN B 65 33.84 -9.79 5.82
CA ASN B 65 34.11 -11.23 5.92
C ASN B 65 32.81 -12.01 6.07
N LEU B 66 31.82 -11.63 5.28
CA LEU B 66 30.51 -12.26 5.32
C LEU B 66 30.50 -13.51 4.46
N PHE B 67 30.06 -14.62 5.04
CA PHE B 67 29.82 -15.84 4.28
C PHE B 67 28.32 -16.15 4.25
N SER B 68 27.89 -16.72 3.13
CA SER B 68 26.48 -17.01 2.88
C SER B 68 26.07 -18.38 3.44
N GLU B 69 24.78 -18.51 3.73
CA GLU B 69 24.24 -19.80 4.14
C GLU B 69 24.53 -20.84 3.07
N LEU B 70 24.72 -22.08 3.53
CA LEU B 70 24.74 -23.25 2.67
C LEU B 70 23.75 -23.11 1.52
N GLN B 71 24.22 -23.38 0.31
CA GLN B 71 23.42 -23.25 -0.91
C GLN B 71 23.25 -24.62 -1.56
N GLU B 72 22.10 -25.26 -1.34
CA GLU B 72 21.88 -26.61 -1.86
C GLU B 72 22.18 -26.68 -3.36
N GLN B 73 21.69 -25.71 -4.11
CA GLN B 73 21.74 -25.73 -5.57
C GLN B 73 23.11 -25.39 -6.16
N LEU B 74 24.12 -25.16 -5.32
CA LEU B 74 25.45 -24.83 -5.80
C LEU B 74 26.45 -25.77 -5.13
N ALA B 75 26.18 -27.07 -5.23
CA ALA B 75 27.10 -28.08 -4.73
C ALA B 75 27.36 -27.89 -3.25
N GLU B 76 26.31 -27.49 -2.54
CA GLU B 76 26.35 -27.25 -1.09
C GLU B 76 27.56 -26.42 -0.68
N ARG B 77 27.74 -25.29 -1.35
CA ARG B 77 28.80 -24.36 -1.04
C ARG B 77 28.25 -23.15 -0.30
N GLN B 78 29.12 -22.54 0.50
CA GLN B 78 28.85 -21.22 1.08
C GLN B 78 29.56 -20.19 0.21
N ILE B 79 28.84 -19.15 -0.15
CA ILE B 79 29.28 -18.17 -1.14
C ILE B 79 29.80 -16.95 -0.38
N TYR B 80 31.10 -16.70 -0.51
CA TYR B 80 31.67 -15.48 0.03
C TYR B 80 31.10 -14.28 -0.73
N MET B 81 30.91 -13.17 -0.01
CA MET B 81 30.27 -11.99 -0.59
C MET B 81 30.96 -10.75 -0.02
N ALA B 82 31.93 -10.22 -0.78
CA ALA B 82 32.65 -9.03 -0.35
C ALA B 82 31.69 -7.89 -0.03
N ARG B 83 31.93 -7.26 1.11
CA ARG B 83 31.37 -5.94 1.48
C ARG B 83 32.43 -5.10 2.19
N GLY B 84 32.56 -3.84 1.79
CA GLY B 84 33.52 -2.96 2.44
C GLY B 84 33.08 -2.62 3.85
N ARG B 85 34.05 -2.56 4.77
CA ARG B 85 33.82 -2.21 6.17
C ARG B 85 34.72 -1.03 6.55
N LEU B 86 34.30 0.18 6.21
CA LEU B 86 35.08 1.39 6.49
C LEU B 86 34.35 2.59 5.90
N LEU B 87 34.90 3.78 6.19
CA LEU B 87 34.39 5.00 5.58
C LEU B 87 34.60 4.96 4.07
N GLY B 88 33.52 5.26 3.33
CA GLY B 88 33.39 4.94 1.93
C GLY B 88 32.69 3.63 1.68
N GLY B 89 32.63 2.74 2.67
CA GLY B 89 31.92 1.50 2.48
C GLY B 89 32.46 0.73 1.29
N SER B 90 31.55 0.17 0.50
CA SER B 90 32.05 -0.66 -0.58
C SER B 90 32.60 0.13 -1.77
N SER B 91 32.34 1.45 -1.87
CA SER B 91 33.01 2.19 -2.93
C SER B 91 34.53 2.23 -2.72
N ALA B 92 35.00 2.03 -1.48
CA ALA B 92 36.42 2.03 -1.18
C ALA B 92 37.10 0.69 -1.47
N THR B 93 36.34 -0.42 -1.48
CA THR B 93 36.91 -1.74 -1.77
C THR B 93 36.30 -2.38 -3.01
N ASN B 94 35.86 -1.56 -3.99
CA ASN B 94 35.24 -2.08 -5.20
C ASN B 94 36.18 -1.98 -6.39
N ALA B 95 35.73 -2.45 -7.54
CA ALA B 95 36.58 -2.55 -8.72
C ALA B 95 36.56 -1.31 -9.61
N THR B 96 35.92 -0.22 -9.18
CA THR B 96 35.94 1.10 -9.80
C THR B 96 35.26 1.18 -11.16
N LEU B 97 34.71 0.08 -11.70
CA LEU B 97 34.00 0.14 -13.00
C LEU B 97 32.79 1.07 -12.92
N TYR B 98 32.60 1.84 -13.98
CA TYR B 98 31.55 2.85 -14.00
C TYR B 98 30.52 2.44 -15.04
N HIS B 99 29.36 1.99 -14.57
CA HIS B 99 28.27 1.59 -15.44
C HIS B 99 26.94 2.10 -14.92
N ARG B 100 26.15 2.68 -15.81
CA ARG B 100 24.79 3.07 -15.48
C ARG B 100 23.76 2.03 -15.89
N GLY B 101 24.07 1.24 -16.91
CA GLY B 101 23.11 0.33 -17.49
C GLY B 101 22.59 0.85 -18.83
N ALA B 102 21.26 0.80 -19.01
CA ALA B 102 20.58 1.43 -20.13
C ALA B 102 19.35 2.14 -19.60
N ALA B 103 18.72 2.96 -20.47
CA ALA B 103 17.51 3.70 -20.07
C ALA B 103 16.42 2.78 -19.55
N GLY B 104 16.28 1.61 -20.17
CA GLY B 104 15.17 0.72 -19.86
C GLY B 104 15.31 0.05 -18.52
N ASP B 105 16.54 -0.15 -18.05
CA ASP B 105 16.76 -0.67 -16.71
C ASP B 105 15.94 0.11 -15.70
N TYR B 106 15.88 1.43 -15.86
CA TYR B 106 15.06 2.27 -15.00
C TYR B 106 13.63 2.35 -15.50
N ASP B 107 13.44 2.36 -16.82
CA ASP B 107 12.09 2.30 -17.38
C ASP B 107 11.33 1.11 -16.83
N ALA B 108 11.99 -0.04 -16.70
CA ALA B 108 11.32 -1.20 -16.14
C ALA B 108 11.16 -1.14 -14.63
N TRP B 109 11.57 -0.05 -13.99
CA TRP B 109 11.28 0.07 -12.57
C TRP B 109 9.79 0.24 -12.32
N GLY B 110 9.09 0.94 -13.20
CA GLY B 110 7.66 1.08 -13.10
C GLY B 110 7.20 1.95 -11.94
N VAL B 111 8.16 2.49 -11.19
CA VAL B 111 7.87 3.41 -10.08
C VAL B 111 7.84 4.82 -10.65
N GLU B 112 6.66 5.43 -10.68
CA GLU B 112 6.52 6.81 -11.14
C GLU B 112 7.37 7.75 -10.30
N GLY B 113 8.04 8.67 -10.96
CA GLY B 113 9.00 9.53 -10.29
C GLY B 113 10.39 8.94 -10.20
N TRP B 114 10.70 7.95 -11.03
CA TRP B 114 12.03 7.36 -10.99
C TRP B 114 12.41 6.71 -12.31
N SER B 115 11.77 7.12 -13.41
CA SER B 115 11.96 6.51 -14.73
C SER B 115 13.33 6.91 -15.29
N SER B 116 13.56 6.59 -16.57
CA SER B 116 14.86 6.86 -17.17
C SER B 116 15.09 8.34 -17.38
N GLU B 117 14.02 9.09 -17.63
CA GLU B 117 14.11 10.53 -17.76
C GLU B 117 14.28 11.25 -16.42
N ASP B 118 13.99 10.59 -15.30
CA ASP B 118 14.25 11.18 -13.98
C ASP B 118 15.55 10.69 -13.36
N VAL B 119 16.52 10.23 -14.16
CA VAL B 119 17.78 9.82 -13.56
C VAL B 119 18.95 10.47 -14.29
N LEU B 120 18.79 10.74 -15.59
CA LEU B 120 19.96 10.99 -16.44
C LEU B 120 20.70 12.25 -16.02
N SER B 121 19.98 13.35 -15.81
CA SER B 121 20.60 14.58 -15.35
C SER B 121 21.26 14.38 -13.99
N TRP B 122 20.76 13.43 -13.20
CA TRP B 122 21.38 13.16 -11.91
C TRP B 122 22.68 12.35 -12.04
N PHE B 123 22.72 11.41 -12.99
CA PHE B 123 24.00 10.81 -13.37
C PHE B 123 24.97 11.88 -13.85
N VAL B 124 24.48 12.84 -14.63
CA VAL B 124 25.36 13.81 -15.26
C VAL B 124 25.88 14.81 -14.24
N GLN B 125 25.03 15.19 -13.29
CA GLN B 125 25.38 16.28 -12.40
C GLN B 125 26.50 15.88 -11.46
N ALA B 126 26.62 14.59 -11.14
CA ALA B 126 27.59 14.05 -10.18
C ALA B 126 28.91 13.64 -10.83
N GLU B 127 29.02 13.73 -12.14
CA GLU B 127 30.16 13.20 -12.84
C GLU B 127 31.06 14.33 -13.34
N THR B 128 32.36 14.11 -13.20
CA THR B 128 33.39 14.77 -13.98
C THR B 128 34.11 13.67 -14.77
N ASN B 129 34.22 13.84 -16.07
CA ASN B 129 34.70 12.78 -16.96
C ASN B 129 35.94 13.25 -17.73
N ALA B 130 37.08 12.63 -17.42
CA ALA B 130 38.32 13.04 -18.02
C ALA B 130 38.36 12.77 -19.52
N ASP B 131 37.49 11.90 -20.02
CA ASP B 131 37.65 11.40 -21.37
C ASP B 131 36.46 11.63 -22.28
N PHE B 132 35.27 11.87 -21.73
CA PHE B 132 34.13 12.24 -22.55
C PHE B 132 33.77 13.68 -22.32
N GLY B 133 33.59 14.44 -23.41
CA GLY B 133 33.20 15.82 -23.34
C GLY B 133 31.78 16.00 -22.84
N PRO B 134 31.48 17.14 -22.25
CA PRO B 134 30.16 17.30 -21.63
C PRO B 134 29.09 17.33 -22.72
N GLY B 135 27.94 16.75 -22.39
CA GLY B 135 26.87 16.64 -23.35
C GLY B 135 25.65 16.14 -22.64
N ALA B 136 24.76 15.45 -23.38
CA ALA B 136 23.53 14.99 -22.75
C ALA B 136 23.76 13.86 -21.76
N TYR B 137 24.84 13.09 -21.93
CA TYR B 137 25.08 11.92 -21.11
C TYR B 137 26.25 12.05 -20.16
N HIS B 138 27.24 12.90 -20.45
CA HIS B 138 28.39 13.06 -19.57
C HIS B 138 28.54 14.49 -19.06
N GLY B 139 28.89 14.61 -17.76
CA GLY B 139 29.05 15.89 -17.09
C GLY B 139 30.51 16.28 -16.86
N SER B 140 30.69 17.53 -16.46
CA SER B 140 32.03 18.09 -16.23
C SER B 140 32.01 19.07 -15.06
N GLY B 141 31.39 18.70 -13.95
CA GLY B 141 31.56 19.53 -12.78
C GLY B 141 31.31 18.78 -11.50
N GLY B 142 30.78 17.55 -11.62
CA GLY B 142 30.36 16.77 -10.47
C GLY B 142 31.55 16.19 -9.72
N PRO B 143 31.32 15.79 -8.46
CA PRO B 143 32.44 15.34 -7.61
C PRO B 143 33.03 13.97 -7.99
N MET B 144 32.37 13.20 -8.84
CA MET B 144 32.92 11.88 -9.22
C MET B 144 33.95 12.02 -10.31
N ARG B 145 35.13 11.43 -10.10
CA ARG B 145 36.07 11.31 -11.19
C ARG B 145 35.78 10.01 -11.95
N VAL B 146 35.76 10.12 -13.27
CA VAL B 146 35.62 8.98 -14.17
C VAL B 146 36.61 9.20 -15.29
N GLU B 147 37.31 8.13 -15.68
CA GLU B 147 38.34 8.18 -16.70
C GLU B 147 38.46 6.81 -17.34
N ASN B 148 38.95 6.79 -18.58
CA ASN B 148 39.32 5.53 -19.17
C ASN B 148 40.52 4.95 -18.41
N PRO B 149 40.65 3.62 -18.38
CA PRO B 149 41.76 3.00 -17.63
C PRO B 149 43.11 3.41 -18.21
N ARG B 150 44.04 3.77 -17.32
CA ARG B 150 45.33 4.30 -17.73
C ARG B 150 46.36 3.20 -17.96
N TYR B 151 45.92 1.96 -17.89
CA TYR B 151 46.72 0.81 -18.29
C TYR B 151 46.07 0.17 -19.51
N THR B 152 46.92 -0.16 -20.49
CA THR B 152 46.51 -0.88 -21.67
C THR B 152 47.51 -1.98 -21.91
N ASN B 153 47.03 -3.22 -22.08
CA ASN B 153 47.88 -4.33 -22.45
C ASN B 153 47.80 -4.48 -23.96
N LYS B 154 48.80 -3.95 -24.66
CA LYS B 154 48.66 -3.67 -26.10
C LYS B 154 48.28 -4.93 -26.87
N GLN B 155 48.83 -6.07 -26.50
CA GLN B 155 48.56 -7.31 -27.23
C GLN B 155 47.24 -7.94 -26.82
N LEU B 156 47.04 -8.12 -25.52
CA LEU B 156 45.91 -8.92 -25.07
C LEU B 156 44.59 -8.18 -25.22
N HIS B 157 44.56 -6.89 -24.89
CA HIS B 157 43.32 -6.16 -25.12
C HIS B 157 43.00 -6.11 -26.60
N THR B 158 44.00 -5.81 -27.44
N THR B 158 43.99 -5.81 -27.45
CA THR B 158 43.80 -5.82 -28.88
CA THR B 158 43.78 -5.82 -28.89
C THR B 158 43.28 -7.18 -29.35
C THR B 158 43.30 -7.18 -29.37
N ALA B 159 43.85 -8.25 -28.82
CA ALA B 159 43.46 -9.59 -29.24
C ALA B 159 42.01 -9.84 -28.91
N PHE B 160 41.60 -9.55 -27.68
CA PHE B 160 40.18 -9.64 -27.32
C PHE B 160 39.33 -8.82 -28.26
N PHE B 161 39.77 -7.58 -28.56
CA PHE B 161 38.99 -6.72 -29.46
C PHE B 161 38.91 -7.33 -30.86
N LYS B 162 40.05 -7.80 -31.41
CA LYS B 162 40.00 -8.44 -32.72
C LYS B 162 39.17 -9.72 -32.68
N ALA B 163 39.26 -10.48 -31.57
CA ALA B 163 38.50 -11.73 -31.46
C ALA B 163 37.01 -11.46 -31.36
N ALA B 164 36.61 -10.46 -30.57
CA ALA B 164 35.19 -10.16 -30.41
C ALA B 164 34.60 -9.58 -31.70
N GLU B 165 35.41 -8.95 -32.54
CA GLU B 165 34.95 -8.54 -33.87
C GLU B 165 34.89 -9.73 -34.82
N GLU B 166 35.82 -10.68 -34.68
CA GLU B 166 35.82 -11.88 -35.53
C GLU B 166 34.52 -12.65 -35.39
N VAL B 167 33.99 -12.76 -34.18
CA VAL B 167 32.85 -13.61 -33.91
C VAL B 167 31.51 -12.93 -34.13
N GLY B 168 31.51 -11.61 -34.37
CA GLY B 168 30.31 -10.90 -34.77
C GLY B 168 29.84 -9.78 -33.85
N LEU B 169 30.69 -9.35 -32.92
CA LEU B 169 30.29 -8.30 -31.99
C LEU B 169 30.72 -6.96 -32.55
N THR B 170 29.86 -5.96 -32.38
CA THR B 170 30.11 -4.61 -32.89
C THR B 170 30.70 -3.75 -31.78
N PRO B 171 31.65 -2.88 -32.11
CA PRO B 171 32.24 -2.01 -31.09
C PRO B 171 31.19 -1.11 -30.46
N ASN B 172 31.32 -0.87 -29.16
CA ASN B 172 30.50 0.09 -28.42
C ASN B 172 31.44 1.08 -27.75
N SER B 173 31.36 2.35 -28.17
CA SER B 173 32.34 3.36 -27.82
C SER B 173 32.09 3.98 -26.46
N ASP B 174 30.88 3.83 -25.93
CA ASP B 174 30.51 4.41 -24.64
C ASP B 174 29.35 3.58 -24.10
N PHE B 175 29.66 2.70 -23.15
CA PHE B 175 28.61 1.84 -22.63
C PHE B 175 27.59 2.59 -21.79
N ASN B 176 27.80 3.87 -21.51
CA ASN B 176 26.80 4.66 -20.82
C ASN B 176 26.07 5.66 -21.71
N ASP B 177 26.55 5.87 -22.94
CA ASP B 177 25.85 6.70 -23.92
C ASP B 177 24.47 6.10 -24.21
N TRP B 178 23.45 6.57 -23.49
CA TRP B 178 22.13 5.99 -23.72
C TRP B 178 21.57 6.27 -25.12
N SER B 179 22.32 6.85 -26.07
CA SER B 179 21.82 7.11 -27.42
C SER B 179 22.14 5.98 -28.39
N HIS B 180 22.60 4.84 -27.91
CA HIS B 180 22.78 3.69 -28.77
C HIS B 180 22.70 2.41 -27.94
N ASP B 181 22.75 1.27 -28.62
CA ASP B 181 22.41 0.02 -27.95
C ASP B 181 23.49 -0.40 -26.96
N HIS B 182 23.07 -1.18 -25.96
CA HIS B 182 23.93 -1.52 -24.83
C HIS B 182 24.96 -2.59 -25.18
N ALA B 183 24.66 -3.42 -26.17
CA ALA B 183 25.54 -4.50 -26.54
C ALA B 183 26.86 -3.95 -27.06
N GLY B 184 27.83 -4.83 -27.22
CA GLY B 184 29.06 -4.56 -27.92
C GLY B 184 30.27 -4.76 -27.04
N TYR B 185 31.44 -4.66 -27.67
CA TYR B 185 32.72 -4.72 -26.96
C TYR B 185 33.37 -3.36 -26.87
N GLY B 186 34.18 -3.19 -25.83
CA GLY B 186 34.96 -1.98 -25.68
C GLY B 186 35.61 -1.92 -24.31
N THR B 187 35.91 -0.70 -23.89
CA THR B 187 36.65 -0.50 -22.66
C THR B 187 35.76 0.18 -21.64
N PHE B 188 35.72 -0.37 -20.44
CA PHE B 188 34.91 0.19 -19.37
C PHE B 188 35.63 1.38 -18.78
N GLN B 189 34.89 2.46 -18.56
CA GLN B 189 35.42 3.56 -17.77
C GLN B 189 35.48 3.16 -16.30
N VAL B 190 36.33 3.86 -15.56
CA VAL B 190 36.65 3.49 -14.19
C VAL B 190 36.56 4.74 -13.32
N MET B 191 36.27 4.51 -12.06
CA MET B 191 36.04 5.61 -11.13
C MET B 191 37.39 5.90 -10.47
N GLN B 192 38.26 6.57 -11.22
CA GLN B 192 39.64 6.81 -10.80
C GLN B 192 40.03 8.25 -11.13
N ASP B 193 41.04 8.75 -10.44
CA ASP B 193 41.55 10.11 -10.64
C ASP B 193 43.02 9.92 -11.00
N LYS B 194 43.28 9.80 -12.30
CA LYS B 194 44.63 9.57 -12.79
C LYS B 194 45.28 8.36 -12.15
N GLY B 195 44.48 7.33 -11.86
CA GLY B 195 45.00 6.07 -11.38
C GLY B 195 44.88 5.84 -9.90
N THR B 196 44.55 6.86 -9.12
CA THR B 196 44.15 6.64 -7.73
C THR B 196 42.66 6.32 -7.72
N ARG B 197 42.25 5.48 -6.79
CA ARG B 197 40.84 5.17 -6.59
C ARG B 197 40.07 6.41 -6.11
N ALA B 198 39.06 6.80 -6.87
CA ALA B 198 38.21 7.91 -6.46
C ALA B 198 36.94 7.36 -5.83
N ASP B 199 37.07 6.85 -4.60
CA ASP B 199 35.89 6.37 -3.92
C ASP B 199 35.09 7.54 -3.35
N MET B 200 33.85 7.25 -2.97
CA MET B 200 32.96 8.29 -2.45
C MET B 200 33.48 8.96 -1.18
N TYR B 201 34.36 8.31 -0.41
CA TYR B 201 34.98 9.00 0.71
C TYR B 201 35.88 10.11 0.20
N ARG B 202 36.84 9.75 -0.67
CA ARG B 202 37.77 10.75 -1.18
C ARG B 202 37.03 11.87 -1.90
N GLN B 203 36.01 11.52 -2.69
CA GLN B 203 35.39 12.52 -3.56
C GLN B 203 34.26 13.31 -2.89
N TYR B 204 33.54 12.73 -1.92
CA TYR B 204 32.42 13.41 -1.29
C TYR B 204 32.60 13.75 0.19
N LEU B 205 33.19 12.88 1.01
CA LEU B 205 33.22 13.10 2.46
C LEU B 205 34.47 13.84 2.95
N LYS B 206 35.66 13.43 2.49
N LYS B 206 35.66 13.43 2.49
CA LYS B 206 36.89 14.07 2.93
CA LYS B 206 36.91 14.06 2.91
C LYS B 206 36.93 15.58 2.74
C LYS B 206 36.93 15.57 2.74
N PRO B 207 36.52 16.17 1.62
CA PRO B 207 36.66 17.63 1.47
C PRO B 207 35.84 18.45 2.47
N VAL B 208 34.81 17.88 3.09
CA VAL B 208 33.83 18.58 3.91
C VAL B 208 33.88 18.15 5.37
N LEU B 209 34.90 17.37 5.74
CA LEU B 209 35.07 16.93 7.12
C LEU B 209 35.27 18.09 8.09
N GLY B 210 35.72 19.23 7.60
CA GLY B 210 35.96 20.32 8.51
C GLY B 210 34.70 21.14 8.72
N ARG B 211 33.55 20.61 8.34
CA ARG B 211 32.33 21.36 8.58
C ARG B 211 31.88 21.13 10.02
N ARG B 212 31.60 22.24 10.71
CA ARG B 212 31.31 22.20 12.14
C ARG B 212 30.00 21.51 12.47
N ASN B 213 29.01 21.58 11.57
CA ASN B 213 27.76 20.88 11.85
C ASN B 213 27.82 19.40 11.48
N LEU B 214 28.94 18.92 10.98
CA LEU B 214 29.08 17.55 10.48
C LEU B 214 29.91 16.74 11.46
N GLN B 215 29.34 15.66 11.97
CA GLN B 215 30.02 14.78 12.92
C GLN B 215 30.02 13.37 12.36
N VAL B 216 31.20 12.86 12.01
CA VAL B 216 31.39 11.49 11.56
C VAL B 216 32.11 10.71 12.65
N LEU B 217 31.58 9.54 13.00
CA LEU B 217 32.24 8.64 13.93
C LEU B 217 32.62 7.33 13.24
N THR B 218 33.81 6.83 13.59
CA THR B 218 34.30 5.53 13.14
C THR B 218 34.38 4.58 14.32
N GLY B 219 34.30 3.29 14.04
CA GLY B 219 34.13 2.32 15.10
C GLY B 219 32.79 2.36 15.78
N ALA B 220 31.79 3.02 15.20
CA ALA B 220 30.47 3.21 15.81
C ALA B 220 29.47 2.25 15.16
N ALA B 221 29.54 0.99 15.58
CA ALA B 221 28.66 -0.04 15.04
C ALA B 221 27.28 0.13 15.65
N VAL B 222 26.29 0.50 14.82
CA VAL B 222 24.91 0.59 15.27
C VAL B 222 24.37 -0.79 15.65
N THR B 223 23.50 -0.82 16.65
CA THR B 223 22.83 -2.05 17.09
C THR B 223 21.34 -2.06 16.76
N LYS B 224 20.67 -0.91 16.87
N LYS B 224 20.66 -0.92 16.86
CA LYS B 224 19.27 -0.81 16.48
CA LYS B 224 19.26 -0.82 16.46
C LYS B 224 18.93 0.66 16.26
C LYS B 224 18.88 0.64 16.32
N VAL B 225 17.81 0.88 15.58
CA VAL B 225 17.22 2.21 15.42
C VAL B 225 16.05 2.30 16.41
N ASN B 226 16.23 3.11 17.47
CA ASN B 226 15.30 3.17 18.59
C ASN B 226 14.00 3.83 18.17
N ILE B 227 12.90 3.09 18.17
CA ILE B 227 11.60 3.56 17.71
C ILE B 227 10.57 3.34 18.81
N ASP B 228 9.87 4.41 19.18
CA ASP B 228 8.85 4.37 20.24
C ASP B 228 7.46 4.66 19.67
N ALA B 234 4.11 5.45 14.82
CA ALA B 234 5.49 5.20 15.25
C ALA B 234 6.40 6.36 14.86
N GLN B 235 7.38 6.64 15.70
CA GLN B 235 8.31 7.75 15.47
C GLN B 235 9.73 7.26 15.70
N ALA B 236 10.62 7.55 14.76
CA ALA B 236 12.03 7.31 14.99
C ALA B 236 12.58 8.34 15.98
N LEU B 237 13.41 7.88 16.92
CA LEU B 237 13.94 8.74 17.96
C LEU B 237 15.47 8.77 18.01
N GLY B 238 16.14 7.99 17.18
CA GLY B 238 17.57 7.84 17.26
C GLY B 238 17.97 6.38 17.24
N VAL B 239 19.27 6.15 17.32
CA VAL B 239 19.79 4.80 17.22
C VAL B 239 20.63 4.50 18.45
N GLU B 240 20.76 3.20 18.74
CA GLU B 240 21.71 2.72 19.72
C GLU B 240 22.93 2.22 18.98
N PHE B 241 24.10 2.38 19.58
CA PHE B 241 25.35 1.97 18.94
C PHE B 241 26.42 1.77 20.00
N SER B 242 27.59 1.32 19.56
CA SER B 242 28.66 0.95 20.47
C SER B 242 30.00 1.28 19.84
N THR B 243 30.93 1.74 20.66
CA THR B 243 32.27 2.10 20.19
C THR B 243 33.35 1.16 20.70
N ASP B 244 33.00 -0.06 21.09
CA ASP B 244 34.03 -1.04 21.41
C ASP B 244 33.49 -2.45 21.18
N GLY B 245 32.79 -2.64 20.06
CA GLY B 245 32.34 -3.95 19.64
C GLY B 245 31.25 -4.51 20.55
N PRO B 246 31.15 -5.83 20.58
CA PRO B 246 30.08 -6.45 21.39
C PRO B 246 30.24 -6.23 22.88
N THR B 247 31.49 -6.18 23.37
CA THR B 247 31.74 -5.94 24.79
C THR B 247 31.73 -4.45 25.09
N GLY B 248 30.94 -3.70 24.33
CA GLY B 248 30.99 -2.25 24.34
C GLY B 248 29.68 -1.64 24.84
N GLU B 249 29.82 -0.67 25.76
CA GLU B 249 28.69 0.06 26.31
C GLU B 249 27.84 0.62 25.18
N ARG B 250 26.52 0.47 25.30
CA ARG B 250 25.64 0.79 24.18
C ARG B 250 25.16 2.22 24.31
N LEU B 251 25.67 3.09 23.44
CA LEU B 251 25.38 4.51 23.42
C LEU B 251 24.07 4.79 22.70
N SER B 252 23.58 6.02 22.81
CA SER B 252 22.32 6.42 22.20
C SER B 252 22.40 7.86 21.74
N ALA B 253 22.17 8.08 20.45
CA ALA B 253 22.17 9.42 19.87
C ALA B 253 20.74 9.79 19.50
N GLU B 254 20.33 11.00 19.87
CA GLU B 254 18.94 11.41 19.76
C GLU B 254 18.69 12.18 18.47
N LEU B 255 17.42 12.22 18.09
CA LEU B 255 16.94 13.01 16.96
C LEU B 255 16.46 14.38 17.43
N ALA B 256 16.25 15.26 16.47
CA ALA B 256 15.84 16.63 16.72
C ALA B 256 14.39 16.77 16.31
N PRO B 257 13.75 17.92 16.53
CA PRO B 257 12.40 18.13 15.97
C PRO B 257 12.41 17.92 14.46
N GLY B 258 11.65 16.94 14.00
CA GLY B 258 11.56 16.63 12.60
C GLY B 258 12.79 15.99 12.00
N GLY B 259 13.83 15.75 12.79
CA GLY B 259 15.05 15.16 12.25
C GLY B 259 14.85 13.70 11.86
N GLU B 260 15.49 13.31 10.77
CA GLU B 260 15.30 11.99 10.15
C GLU B 260 16.47 11.06 10.44
N VAL B 261 16.19 9.76 10.47
CA VAL B 261 17.21 8.71 10.51
C VAL B 261 17.22 8.06 9.14
N ILE B 262 18.36 8.14 8.46
CA ILE B 262 18.50 7.66 7.08
C ILE B 262 19.40 6.43 7.09
N MET B 263 18.83 5.27 6.69
CA MET B 263 19.58 4.02 6.63
C MET B 263 20.57 4.05 5.46
N CYS B 264 21.86 3.90 5.75
CA CYS B 264 22.89 3.81 4.72
C CYS B 264 23.78 2.59 4.88
N ALA B 265 23.27 1.54 5.53
CA ALA B 265 24.08 0.37 5.87
C ALA B 265 24.33 -0.55 4.69
N GLY B 266 23.87 -0.20 3.48
CA GLY B 266 24.03 -1.06 2.33
C GLY B 266 22.94 -2.11 2.22
N ALA B 267 22.96 -2.84 1.11
CA ALA B 267 21.90 -3.79 0.79
C ALA B 267 21.97 -5.07 1.60
N VAL B 268 23.01 -5.26 2.41
CA VAL B 268 23.08 -6.38 3.32
C VAL B 268 22.66 -5.98 4.72
N HIS B 269 23.20 -4.88 5.23
CA HIS B 269 22.98 -4.54 6.63
C HIS B 269 21.81 -3.59 6.85
N THR B 270 21.13 -3.13 5.80
CA THR B 270 19.98 -2.28 6.12
C THR B 270 18.80 -3.13 6.60
N PRO B 271 18.39 -4.19 5.90
CA PRO B 271 17.35 -5.07 6.46
C PRO B 271 17.78 -5.79 7.72
N PHE B 272 19.05 -6.14 7.84
CA PHE B 272 19.59 -6.70 9.08
C PHE B 272 19.29 -5.79 10.27
N LEU B 273 19.55 -4.49 10.12
CA LEU B 273 19.29 -3.57 11.22
C LEU B 273 17.83 -3.13 11.28
N LEU B 274 17.15 -2.98 10.14
CA LEU B 274 15.71 -2.73 10.15
C LEU B 274 14.94 -3.84 10.88
N LYS B 275 15.35 -5.10 10.70
CA LYS B 275 14.70 -6.16 11.45
C LYS B 275 15.08 -6.12 12.93
N HIS B 276 16.35 -5.80 13.24
CA HIS B 276 16.76 -5.75 14.63
C HIS B 276 15.97 -4.71 15.42
N SER B 277 15.27 -3.81 14.73
CA SER B 277 14.48 -2.79 15.38
C SER B 277 13.00 -3.12 15.40
N GLY B 278 12.56 -4.01 14.53
CA GLY B 278 11.16 -4.37 14.50
C GLY B 278 10.41 -3.89 13.27
N VAL B 279 11.11 -3.79 12.13
CA VAL B 279 10.49 -3.29 10.91
C VAL B 279 10.73 -4.31 9.79
N GLY B 280 10.34 -5.56 10.05
CA GLY B 280 10.40 -6.62 9.07
C GLY B 280 9.30 -7.64 9.33
N PRO B 281 9.39 -8.81 8.69
CA PRO B 281 8.30 -9.78 8.79
C PRO B 281 8.03 -10.20 10.22
N SER B 282 6.75 -10.24 10.58
CA SER B 282 6.36 -10.67 11.91
C SER B 282 6.89 -12.05 12.21
N ALA B 283 6.72 -12.99 11.27
CA ALA B 283 7.13 -14.38 11.50
C ALA B 283 8.61 -14.47 11.80
N GLU B 284 9.43 -13.69 11.08
CA GLU B 284 10.85 -13.69 11.40
C GLU B 284 11.11 -13.01 12.75
N LEU B 285 10.42 -11.90 13.01
CA LEU B 285 10.70 -11.12 14.21
C LEU B 285 10.32 -11.87 15.49
N LYS B 286 9.06 -12.30 15.58
CA LYS B 286 8.61 -12.96 16.80
C LYS B 286 9.41 -14.23 17.13
N GLU B 287 10.25 -14.71 16.23
CA GLU B 287 11.02 -15.92 16.52
C GLU B 287 12.04 -15.67 17.62
N PHE B 288 12.79 -14.57 17.51
CA PHE B 288 13.85 -14.28 18.47
C PHE B 288 13.39 -13.38 19.61
N GLY B 289 12.11 -13.06 19.68
CA GLY B 289 11.58 -12.29 20.78
C GLY B 289 11.64 -10.80 20.60
N ILE B 290 11.68 -10.33 19.36
CA ILE B 290 11.82 -8.91 19.07
C ILE B 290 10.43 -8.35 18.79
N PRO B 291 9.98 -7.34 19.53
CA PRO B 291 8.71 -6.68 19.19
C PRO B 291 8.75 -6.10 17.79
N VAL B 292 7.57 -5.97 17.19
CA VAL B 292 7.45 -5.49 15.81
C VAL B 292 6.84 -4.10 15.82
N VAL B 293 7.46 -3.19 15.07
CA VAL B 293 7.01 -1.82 14.97
C VAL B 293 6.19 -1.56 13.70
N SER B 294 6.53 -2.19 12.58
CA SER B 294 5.80 -2.04 11.32
C SER B 294 6.04 -3.30 10.50
N ASN B 295 4.97 -3.86 9.94
CA ASN B 295 5.01 -5.21 9.37
C ASN B 295 5.34 -5.13 7.90
N LEU B 296 6.64 -5.22 7.60
CA LEU B 296 7.13 -5.14 6.24
C LEU B 296 7.74 -6.49 5.91
N ALA B 297 7.11 -7.22 4.99
CA ALA B 297 7.63 -8.52 4.58
C ALA B 297 8.73 -8.38 3.53
N GLY B 298 8.79 -7.25 2.82
CA GLY B 298 9.83 -7.05 1.84
C GLY B 298 11.22 -6.89 2.43
N VAL B 299 11.29 -6.46 3.69
CA VAL B 299 12.56 -6.24 4.37
C VAL B 299 13.44 -7.50 4.30
N GLY B 300 14.46 -7.42 3.44
CA GLY B 300 15.38 -8.51 3.25
C GLY B 300 15.03 -9.43 2.11
N GLN B 301 14.24 -8.97 1.14
CA GLN B 301 13.72 -9.81 0.07
C GLN B 301 14.05 -9.20 -1.29
N ASN B 302 14.00 -10.03 -2.34
CA ASN B 302 14.25 -9.58 -3.71
C ASN B 302 15.72 -9.16 -3.88
N LEU B 303 16.58 -9.70 -3.02
CA LEU B 303 18.02 -9.56 -3.21
C LEU B 303 18.40 -9.97 -4.61
N GLN B 304 18.91 -9.03 -5.38
CA GLN B 304 19.50 -9.35 -6.67
C GLN B 304 21.01 -9.14 -6.62
N ASP B 305 21.73 -10.07 -7.21
CA ASP B 305 23.19 -10.05 -7.21
C ASP B 305 23.65 -10.83 -8.42
N GLN B 306 24.56 -10.23 -9.18
CA GLN B 306 24.88 -10.73 -10.50
C GLN B 306 25.86 -11.90 -10.38
N PRO B 307 25.48 -13.11 -10.80
CA PRO B 307 26.36 -14.26 -10.68
C PRO B 307 27.43 -14.32 -11.75
N ALA B 308 28.58 -14.87 -11.38
CA ALA B 308 29.76 -14.87 -12.26
C ALA B 308 30.39 -16.26 -12.32
N CYS B 309 31.05 -16.55 -13.46
CA CYS B 309 31.91 -17.70 -13.66
C CYS B 309 32.90 -17.37 -14.76
N LEU B 310 33.99 -18.11 -14.83
CA LEU B 310 35.03 -17.79 -15.79
C LEU B 310 35.55 -19.01 -16.53
N THR B 311 36.16 -18.72 -17.66
CA THR B 311 37.11 -19.56 -18.36
C THR B 311 38.49 -18.91 -18.27
N ALA B 312 39.53 -19.70 -18.48
CA ALA B 312 40.90 -19.23 -18.32
C ALA B 312 41.81 -20.06 -19.20
N ALA B 313 42.95 -19.49 -19.59
CA ALA B 313 43.76 -20.15 -20.60
C ALA B 313 45.18 -19.61 -20.57
N PRO B 314 46.20 -20.47 -20.55
CA PRO B 314 47.58 -19.97 -20.61
C PRO B 314 47.89 -19.42 -21.99
N VAL B 315 48.83 -18.50 -22.03
CA VAL B 315 49.40 -18.11 -23.30
C VAL B 315 50.37 -19.18 -23.76
N LYS B 316 50.73 -19.14 -25.03
CA LYS B 316 51.85 -19.93 -25.54
C LYS B 316 53.18 -19.48 -24.94
N GLU B 317 54.15 -20.42 -24.93
CA GLU B 317 55.48 -20.16 -24.34
C GLU B 317 56.17 -18.95 -24.94
N LYS B 318 55.93 -18.63 -26.20
CA LYS B 318 56.61 -17.47 -26.78
C LYS B 318 56.03 -16.15 -26.26
N TYR B 319 54.86 -16.18 -25.64
CA TYR B 319 54.20 -15.01 -25.11
C TYR B 319 54.25 -14.94 -23.59
N ASP B 320 54.81 -15.96 -22.93
CA ASP B 320 55.27 -15.86 -21.55
C ASP B 320 55.80 -14.46 -21.27
N GLY B 321 55.25 -13.77 -20.26
CA GLY B 321 55.71 -12.44 -19.88
C GLY B 321 54.83 -11.27 -20.31
N ILE B 322 53.78 -11.48 -21.08
CA ILE B 322 52.96 -10.37 -21.59
C ILE B 322 51.67 -10.18 -20.80
N ALA B 323 51.52 -10.84 -19.66
CA ALA B 323 50.27 -10.68 -18.93
C ALA B 323 50.37 -9.54 -17.92
N ILE B 324 49.21 -9.14 -17.39
CA ILE B 324 49.19 -8.12 -16.35
C ILE B 324 49.90 -8.64 -15.11
N SER B 325 49.74 -9.93 -14.81
CA SER B 325 50.46 -10.56 -13.70
C SER B 325 51.95 -10.42 -13.89
N ASP B 326 52.43 -10.59 -15.12
CA ASP B 326 53.83 -10.36 -15.46
C ASP B 326 54.23 -8.90 -15.31
N HIS B 327 53.29 -7.97 -15.45
CA HIS B 327 53.68 -6.58 -15.36
C HIS B 327 53.82 -6.10 -13.93
N ILE B 328 53.18 -6.79 -13.00
CA ILE B 328 53.18 -6.45 -11.59
C ILE B 328 54.22 -7.25 -10.81
N TYR B 329 54.23 -8.58 -10.97
CA TYR B 329 55.18 -9.42 -10.24
C TYR B 329 56.36 -9.76 -11.11
N ASN B 330 57.55 -9.83 -10.50
CA ASN B 330 58.64 -10.46 -11.22
C ASN B 330 58.45 -11.96 -11.15
N GLU B 331 59.47 -12.69 -11.57
CA GLU B 331 59.45 -14.14 -11.60
CA GLU B 331 59.38 -14.14 -11.58
C GLU B 331 59.67 -14.76 -10.22
N LYS B 332 60.12 -13.95 -9.27
CA LYS B 332 60.19 -14.34 -7.88
C LYS B 332 59.01 -13.81 -7.08
N GLY B 333 58.00 -13.28 -7.77
CA GLY B 333 56.77 -12.81 -7.14
C GLY B 333 56.85 -11.45 -6.49
N GLN B 334 57.89 -10.67 -6.72
N GLN B 334 57.91 -10.68 -6.72
CA GLN B 334 58.04 -9.38 -6.07
CA GLN B 334 58.07 -9.38 -6.08
C GLN B 334 57.48 -8.27 -6.94
C GLN B 334 57.45 -8.28 -6.94
N ILE B 335 57.00 -7.21 -6.27
CA ILE B 335 56.44 -6.08 -6.98
C ILE B 335 57.55 -5.40 -7.78
N ARG B 336 57.41 -5.39 -9.10
CA ARG B 336 58.37 -4.73 -9.99
C ARG B 336 58.56 -3.25 -9.64
N LYS B 337 59.81 -2.85 -9.36
CA LYS B 337 60.10 -1.45 -9.12
C LYS B 337 59.66 -0.59 -10.29
N ARG B 338 59.68 -1.15 -11.50
CA ARG B 338 59.21 -0.45 -12.69
C ARG B 338 57.71 -0.17 -12.62
N ALA B 339 56.93 -1.13 -12.09
CA ALA B 339 55.50 -0.88 -11.90
C ALA B 339 55.26 0.27 -10.93
N ILE B 340 55.96 0.25 -9.79
CA ILE B 340 55.77 1.29 -8.78
C ILE B 340 56.20 2.65 -9.32
N ALA B 341 57.34 2.69 -10.02
CA ALA B 341 57.78 3.90 -10.71
C ALA B 341 56.66 4.53 -11.51
N SER B 342 56.18 3.80 -12.54
CA SER B 342 55.05 4.18 -13.37
C SER B 342 53.90 4.74 -12.55
N TYR B 343 53.61 4.09 -11.43
CA TYR B 343 52.38 4.46 -10.72
C TYR B 343 52.57 5.72 -9.88
N LEU B 344 53.73 5.91 -9.28
CA LEU B 344 53.95 7.04 -8.41
C LEU B 344 54.45 8.28 -9.13
N LEU B 345 55.07 8.13 -10.29
CA LEU B 345 55.49 9.28 -11.08
C LEU B 345 54.40 9.78 -12.00
N GLY B 346 53.61 8.87 -12.59
CA GLY B 346 52.63 9.27 -13.58
C GLY B 346 51.27 8.59 -13.55
N GLY B 347 50.92 7.98 -12.42
CA GLY B 347 49.75 7.11 -12.35
C GLY B 347 49.52 6.25 -13.57
N ARG B 348 50.53 5.53 -14.02
CA ARG B 348 50.36 4.64 -15.15
C ARG B 348 50.77 3.24 -14.77
N GLY B 349 50.43 2.31 -15.64
CA GLY B 349 50.90 0.94 -15.52
C GLY B 349 49.88 0.06 -14.84
N GLY B 350 50.36 -1.14 -14.47
CA GLY B 350 49.46 -2.18 -13.99
C GLY B 350 48.84 -1.92 -12.65
N LEU B 351 49.46 -1.08 -11.80
CA LEU B 351 48.87 -0.83 -10.48
C LEU B 351 47.61 0.02 -10.58
N THR B 352 47.43 0.73 -11.70
CA THR B 352 46.18 1.47 -11.93
C THR B 352 45.02 0.56 -12.31
N SER B 353 45.27 -0.72 -12.56
CA SER B 353 44.25 -1.62 -13.09
C SER B 353 43.66 -2.46 -11.97
N THR B 354 42.35 -2.68 -12.03
CA THR B 354 41.74 -3.79 -11.32
C THR B 354 41.44 -4.97 -12.24
N GLY B 355 42.07 -5.00 -13.40
CA GLY B 355 42.04 -6.11 -14.31
C GLY B 355 40.84 -6.29 -15.21
N CYS B 356 39.63 -6.23 -14.65
CA CYS B 356 38.46 -6.57 -15.45
C CYS B 356 37.81 -5.36 -16.14
N ASP B 357 38.60 -4.43 -16.70
CA ASP B 357 38.03 -3.16 -17.18
C ASP B 357 37.85 -3.12 -18.69
N ARG B 358 37.95 -4.27 -19.36
CA ARG B 358 37.63 -4.44 -20.77
C ARG B 358 36.64 -5.59 -20.89
N GLY B 359 35.72 -5.49 -21.84
CA GLY B 359 34.77 -6.58 -22.00
C GLY B 359 33.65 -6.24 -22.96
N ALA B 360 32.49 -6.85 -22.72
CA ALA B 360 31.44 -6.85 -23.73
C ALA B 360 30.10 -7.07 -23.06
N PHE B 361 29.05 -6.58 -23.71
CA PHE B 361 27.67 -6.79 -23.31
C PHE B 361 26.96 -7.57 -24.42
N VAL B 362 26.41 -8.73 -24.08
CA VAL B 362 25.91 -9.65 -25.10
C VAL B 362 24.49 -10.06 -24.77
N ARG B 363 23.70 -10.28 -25.83
CA ARG B 363 22.43 -10.96 -25.72
C ARG B 363 22.60 -12.41 -26.16
N THR B 364 22.35 -13.35 -25.25
CA THR B 364 22.63 -14.74 -25.57
C THR B 364 21.57 -15.35 -26.48
N ALA B 365 20.32 -14.92 -26.38
CA ALA B 365 19.26 -15.48 -27.21
C ALA B 365 18.24 -14.40 -27.55
N GLY B 366 18.72 -13.22 -27.96
CA GLY B 366 17.82 -12.16 -28.42
C GLY B 366 16.88 -11.64 -27.36
N GLN B 367 17.35 -11.45 -26.13
CA GLN B 367 16.58 -10.80 -25.08
C GLN B 367 16.25 -9.37 -25.48
N ALA B 368 15.68 -8.61 -24.54
CA ALA B 368 15.47 -7.20 -24.76
C ALA B 368 16.78 -6.45 -24.64
N LEU B 369 17.37 -6.45 -23.46
CA LEU B 369 18.68 -5.87 -23.20
C LEU B 369 19.68 -7.01 -22.99
N PRO B 370 20.99 -6.74 -23.09
CA PRO B 370 21.96 -7.84 -22.95
C PRO B 370 21.84 -8.52 -21.60
N ASP B 371 21.83 -9.86 -21.61
CA ASP B 371 21.81 -10.62 -20.36
C ASP B 371 23.19 -11.12 -19.94
N LEU B 372 24.20 -11.00 -20.80
CA LEU B 372 25.55 -11.43 -20.50
C LEU B 372 26.50 -10.25 -20.58
N GLN B 373 27.31 -10.05 -19.54
CA GLN B 373 28.44 -9.12 -19.55
C GLN B 373 29.74 -9.90 -19.42
N VAL B 374 30.62 -9.78 -20.45
CA VAL B 374 31.94 -10.43 -20.48
C VAL B 374 33.00 -9.46 -19.95
N ARG B 375 33.90 -9.96 -19.12
CA ARG B 375 34.98 -9.13 -18.58
C ARG B 375 36.29 -9.83 -18.90
N PHE B 376 37.02 -9.28 -19.88
CA PHE B 376 38.33 -9.79 -20.23
C PHE B 376 39.38 -9.25 -19.27
N VAL B 377 40.32 -10.13 -18.91
CA VAL B 377 41.41 -9.83 -17.97
C VAL B 377 42.70 -10.41 -18.50
N PRO B 378 43.70 -9.62 -18.74
CA PRO B 378 44.93 -10.14 -19.35
C PRO B 378 45.82 -10.86 -18.33
N GLY B 379 45.19 -11.68 -17.48
CA GLY B 379 45.93 -12.57 -16.61
C GLY B 379 45.09 -13.81 -16.44
N MET B 380 45.75 -14.89 -16.00
CA MET B 380 45.14 -16.22 -15.91
C MET B 380 44.71 -16.51 -14.48
N ALA B 381 43.44 -16.88 -14.31
CA ALA B 381 42.94 -17.26 -12.99
C ALA B 381 43.42 -18.68 -12.70
N LEU B 382 43.94 -18.92 -11.50
CA LEU B 382 44.40 -20.25 -11.10
C LEU B 382 43.37 -21.00 -10.26
N ASP B 383 42.14 -20.49 -10.18
CA ASP B 383 41.08 -20.98 -9.38
C ASP B 383 39.84 -20.59 -10.18
N PRO B 384 38.95 -21.54 -10.48
CA PRO B 384 37.72 -21.19 -11.19
C PRO B 384 36.88 -20.19 -10.45
N ASP B 385 37.06 -20.05 -9.14
CA ASP B 385 36.43 -18.95 -8.43
C ASP B 385 37.33 -17.72 -8.62
N GLY B 386 36.81 -16.72 -9.35
CA GLY B 386 37.60 -15.55 -9.65
C GLY B 386 37.95 -14.75 -8.43
N VAL B 387 37.02 -14.65 -7.46
CA VAL B 387 37.34 -13.97 -6.22
C VAL B 387 38.50 -14.68 -5.52
N SER B 388 38.44 -16.01 -5.45
CA SER B 388 39.52 -16.75 -4.81
C SER B 388 40.87 -16.43 -5.43
N THR B 389 40.95 -16.36 -6.76
CA THR B 389 42.22 -16.10 -7.41
C THR B 389 42.84 -14.78 -6.96
N TYR B 390 42.01 -13.73 -6.84
CA TYR B 390 42.52 -12.45 -6.35
C TYR B 390 43.04 -12.58 -4.94
N VAL B 391 42.33 -13.32 -4.09
CA VAL B 391 42.87 -13.63 -2.77
C VAL B 391 44.21 -14.33 -2.91
N ARG B 392 44.25 -15.40 -3.71
N ARG B 392 44.24 -15.40 -3.70
CA ARG B 392 45.49 -16.16 -3.84
CA ARG B 392 45.47 -16.16 -3.85
C ARG B 392 46.57 -15.36 -4.55
C ARG B 392 46.57 -15.32 -4.50
N PHE B 393 46.19 -14.44 -5.43
CA PHE B 393 47.19 -13.55 -6.04
C PHE B 393 47.83 -12.64 -5.00
N ALA B 394 47.05 -12.21 -4.00
CA ALA B 394 47.60 -11.35 -2.98
C ALA B 394 48.65 -12.08 -2.16
N LYS B 395 48.40 -13.34 -1.84
CA LYS B 395 49.31 -14.12 -1.02
C LYS B 395 50.47 -14.66 -1.82
N PHE B 396 50.35 -14.68 -3.14
CA PHE B 396 51.46 -15.09 -3.99
C PHE B 396 52.68 -14.24 -3.79
N GLN B 397 52.49 -12.96 -3.43
CA GLN B 397 53.60 -12.03 -3.33
C GLN B 397 54.73 -12.66 -2.55
N SER B 398 55.95 -12.45 -3.05
CA SER B 398 57.23 -12.80 -2.43
C SER B 398 57.39 -14.30 -2.15
N GLN B 399 56.49 -15.13 -2.63
CA GLN B 399 56.65 -16.56 -2.40
C GLN B 399 57.73 -17.16 -3.26
N GLY B 400 58.37 -16.39 -4.13
CA GLY B 400 59.49 -16.87 -4.93
C GLY B 400 59.12 -17.64 -6.16
N LEU B 401 57.84 -17.67 -6.55
CA LEU B 401 57.32 -18.42 -7.67
C LEU B 401 56.84 -17.47 -8.76
N LYS B 402 56.81 -17.95 -10.00
CA LYS B 402 56.29 -17.16 -11.11
C LYS B 402 54.81 -17.49 -11.33
N TRP B 403 53.98 -16.45 -11.46
CA TRP B 403 52.57 -16.66 -11.83
C TRP B 403 52.48 -16.88 -13.34
N PRO B 404 51.78 -17.93 -13.79
CA PRO B 404 51.74 -18.23 -15.23
C PRO B 404 51.03 -17.15 -16.03
N SER B 405 51.51 -16.95 -17.24
CA SER B 405 50.92 -16.02 -18.19
C SER B 405 49.71 -16.63 -18.89
N GLY B 406 48.61 -15.91 -18.86
CA GLY B 406 47.42 -16.36 -19.55
C GLY B 406 46.38 -15.26 -19.52
N ILE B 407 45.13 -15.64 -19.82
CA ILE B 407 44.02 -14.71 -19.79
C ILE B 407 42.90 -15.32 -18.97
N THR B 408 41.96 -14.47 -18.58
CA THR B 408 40.72 -14.90 -17.95
C THR B 408 39.59 -14.18 -18.64
N MET B 409 38.47 -14.89 -18.75
CA MET B 409 37.25 -14.33 -19.32
C MET B 409 36.14 -14.62 -18.31
N GLN B 410 35.83 -13.62 -17.49
CA GLN B 410 34.76 -13.74 -16.52
C GLN B 410 33.43 -13.54 -17.23
N LEU B 411 32.43 -14.28 -16.79
CA LEU B 411 31.11 -14.29 -17.41
C LEU B 411 30.10 -13.91 -16.34
N ILE B 412 29.24 -12.96 -16.66
CA ILE B 412 28.29 -12.47 -15.67
C ILE B 412 26.88 -12.51 -16.25
N ALA B 413 25.93 -12.86 -15.42
CA ALA B 413 24.52 -12.70 -15.73
C ALA B 413 24.19 -11.34 -15.15
N CYS B 414 24.18 -10.31 -16.00
CA CYS B 414 24.15 -8.92 -15.52
C CYS B 414 22.74 -8.41 -15.26
N ARG B 415 21.73 -9.08 -15.81
CA ARG B 415 20.33 -8.75 -15.56
C ARG B 415 19.59 -10.00 -15.11
N PRO B 416 19.94 -10.53 -13.95
CA PRO B 416 19.46 -11.85 -13.57
C PRO B 416 18.09 -11.80 -12.92
N GLN B 417 17.50 -13.01 -12.93
N GLN B 417 17.50 -13.00 -12.90
CA GLN B 417 16.10 -13.31 -12.70
CA GLN B 417 16.09 -13.24 -12.65
C GLN B 417 15.88 -14.06 -11.40
C GLN B 417 15.87 -14.09 -11.41
N SER B 418 16.85 -14.88 -10.98
CA SER B 418 16.83 -15.21 -9.57
C SER B 418 16.84 -13.98 -8.65
N THR B 419 16.44 -14.23 -7.39
CA THR B 419 16.46 -13.27 -6.30
C THR B 419 16.80 -14.03 -5.02
N GLY B 420 17.00 -13.26 -3.93
CA GLY B 420 17.45 -13.84 -2.67
C GLY B 420 16.77 -13.30 -1.42
N SER B 421 17.48 -13.31 -0.31
CA SER B 421 16.93 -12.92 0.98
C SER B 421 18.05 -12.54 1.93
N VAL B 422 17.71 -11.72 2.93
CA VAL B 422 18.62 -11.36 4.03
CA VAL B 422 18.62 -11.35 4.03
C VAL B 422 17.83 -11.40 5.34
N GLY B 423 18.14 -12.36 6.20
CA GLY B 423 17.41 -12.54 7.43
C GLY B 423 18.28 -12.43 8.67
N LEU B 424 17.64 -12.67 9.82
CA LEU B 424 18.33 -12.72 11.09
C LEU B 424 18.61 -14.17 11.45
N LYS B 425 19.78 -14.40 12.04
CA LYS B 425 20.16 -15.74 12.50
C LYS B 425 20.10 -15.89 14.01
N SER B 426 20.05 -14.80 14.76
CA SER B 426 19.92 -14.86 16.23
C SER B 426 19.58 -13.48 16.75
N ALA B 427 19.55 -13.36 18.09
CA ALA B 427 19.24 -12.07 18.70
C ALA B 427 20.35 -11.06 18.47
N ASP B 428 21.57 -11.38 18.95
CA ASP B 428 22.77 -10.54 18.96
C ASP B 428 22.83 -9.56 17.79
N PRO B 429 22.96 -8.25 18.05
CA PRO B 429 23.06 -7.28 16.95
C PRO B 429 24.39 -7.33 16.21
N PHE B 430 25.40 -8.00 16.77
CA PHE B 430 26.70 -8.15 16.15
C PHE B 430 26.87 -9.49 15.44
N ALA B 431 25.88 -10.38 15.50
CA ALA B 431 25.96 -11.62 14.76
C ALA B 431 25.78 -11.36 13.26
N PRO B 432 26.44 -12.15 12.42
CA PRO B 432 26.24 -11.99 10.99
C PRO B 432 24.80 -12.24 10.62
N PRO B 433 24.30 -11.57 9.57
CA PRO B 433 22.96 -11.86 9.08
C PRO B 433 22.89 -13.22 8.41
N LYS B 434 21.66 -13.65 8.17
CA LYS B 434 21.34 -14.85 7.42
C LYS B 434 21.33 -14.44 5.96
N LEU B 435 22.37 -14.83 5.24
CA LEU B 435 22.58 -14.46 3.86
C LEU B 435 22.33 -15.67 2.97
N SER B 436 21.49 -15.49 1.94
CA SER B 436 21.24 -16.53 0.95
C SER B 436 21.08 -15.86 -0.41
N PRO B 437 22.11 -15.90 -1.25
CA PRO B 437 22.01 -15.28 -2.58
C PRO B 437 21.06 -16.02 -3.49
N GLY B 438 20.89 -17.32 -3.31
CA GLY B 438 19.97 -18.09 -4.15
C GLY B 438 20.22 -17.95 -5.63
N TYR B 439 21.49 -17.78 -6.03
CA TYR B 439 21.81 -17.73 -7.44
C TYR B 439 21.25 -18.97 -8.12
N LEU B 440 20.79 -18.80 -9.36
CA LEU B 440 20.32 -19.87 -10.23
C LEU B 440 19.03 -20.53 -9.74
N THR B 441 18.42 -20.07 -8.63
CA THR B 441 17.15 -20.64 -8.17
C THR B 441 15.91 -20.10 -8.91
N ASP B 442 16.05 -19.46 -10.08
CA ASP B 442 14.86 -18.94 -10.77
C ASP B 442 14.12 -20.09 -11.45
N LYS B 443 12.88 -19.80 -11.91
CA LYS B 443 12.00 -20.84 -12.41
C LYS B 443 12.50 -21.45 -13.72
N ASP B 444 12.79 -20.61 -14.70
CA ASP B 444 13.07 -21.05 -16.06
C ASP B 444 14.54 -21.36 -16.31
N GLY B 445 15.36 -21.43 -15.25
CA GLY B 445 16.77 -21.71 -15.40
C GLY B 445 17.49 -20.76 -16.33
N ALA B 446 17.02 -19.51 -16.43
CA ALA B 446 17.55 -18.59 -17.42
C ALA B 446 18.90 -18.00 -16.99
N ASP B 447 19.12 -17.80 -15.68
CA ASP B 447 20.45 -17.41 -15.22
C ASP B 447 21.47 -18.50 -15.58
N LEU B 448 21.19 -19.75 -15.19
CA LEU B 448 22.05 -20.86 -15.60
C LEU B 448 22.23 -20.90 -17.12
N ALA B 449 21.19 -20.60 -17.89
CA ALA B 449 21.32 -20.62 -19.34
C ALA B 449 22.18 -19.45 -19.85
N THR B 450 22.08 -18.28 -19.21
CA THR B 450 22.99 -17.17 -19.45
C THR B 450 24.44 -17.61 -19.30
N LEU B 451 24.85 -17.98 -18.08
CA LEU B 451 26.23 -18.38 -17.88
C LEU B 451 26.64 -19.52 -18.81
N ARG B 452 25.72 -20.45 -19.12
CA ARG B 452 26.06 -21.59 -19.96
C ARG B 452 26.38 -21.16 -21.37
N LYS B 453 25.52 -20.34 -21.99
CA LYS B 453 25.89 -19.82 -23.29
C LYS B 453 27.05 -18.85 -23.20
N GLY B 454 27.27 -18.26 -22.02
CA GLY B 454 28.50 -17.50 -21.79
C GLY B 454 29.74 -18.35 -22.00
N ILE B 455 29.79 -19.50 -21.34
CA ILE B 455 30.90 -20.43 -21.55
C ILE B 455 31.11 -20.68 -23.04
N HIS B 456 30.03 -21.07 -23.75
CA HIS B 456 30.14 -21.35 -25.17
C HIS B 456 30.69 -20.17 -25.95
N TRP B 457 30.12 -18.98 -25.74
CA TRP B 457 30.60 -17.78 -26.41
C TRP B 457 32.08 -17.54 -26.13
N ALA B 458 32.47 -17.55 -24.86
CA ALA B 458 33.88 -17.38 -24.54
C ALA B 458 34.74 -18.40 -25.29
N ARG B 459 34.23 -19.60 -25.54
CA ARG B 459 35.04 -20.61 -26.22
C ARG B 459 35.14 -20.33 -27.71
N ASP B 460 34.06 -19.86 -28.35
CA ASP B 460 34.17 -19.33 -29.71
C ASP B 460 35.23 -18.24 -29.78
N VAL B 461 35.20 -17.33 -28.80
CA VAL B 461 36.08 -16.17 -28.78
C VAL B 461 37.54 -16.61 -28.67
N ALA B 462 37.83 -17.48 -27.70
CA ALA B 462 39.20 -17.97 -27.53
C ALA B 462 39.66 -18.75 -28.74
N ARG B 463 38.74 -19.49 -29.38
CA ARG B 463 39.11 -20.30 -30.54
C ARG B 463 39.30 -19.50 -31.82
N SER B 464 38.79 -18.27 -31.87
CA SER B 464 38.99 -17.42 -33.04
CA SER B 464 39.00 -17.41 -33.04
C SER B 464 40.49 -17.23 -33.31
N SER B 465 40.79 -16.83 -34.56
CA SER B 465 42.16 -16.64 -35.00
C SER B 465 42.89 -15.60 -34.17
N ALA B 466 42.19 -14.55 -33.74
CA ALA B 466 42.83 -13.46 -33.00
C ALA B 466 43.46 -13.98 -31.71
N LEU B 467 42.66 -14.66 -30.87
CA LEU B 467 43.22 -15.21 -29.65
C LEU B 467 44.12 -16.41 -29.98
N SER B 468 43.73 -17.20 -31.00
CA SER B 468 44.38 -18.48 -31.28
C SER B 468 45.89 -18.34 -31.44
N GLU B 469 46.33 -17.23 -32.01
CA GLU B 469 47.74 -16.90 -32.01
C GLU B 469 48.33 -16.98 -30.60
N TYR B 470 47.57 -16.55 -29.59
CA TYR B 470 48.11 -16.37 -28.23
C TYR B 470 47.89 -17.56 -27.32
N LEU B 471 46.76 -18.25 -27.40
CA LEU B 471 46.44 -19.20 -26.35
C LEU B 471 47.08 -20.56 -26.60
N ASP B 472 47.20 -21.34 -25.54
CA ASP B 472 47.74 -22.70 -25.62
C ASP B 472 46.90 -23.64 -24.77
N GLY B 473 45.62 -23.74 -25.07
CA GLY B 473 44.76 -24.65 -24.35
C GLY B 473 43.78 -23.92 -23.46
N GLU B 474 43.19 -24.67 -22.52
CA GLU B 474 42.11 -24.17 -21.68
C GLU B 474 42.24 -24.77 -20.29
N LEU B 475 42.59 -23.93 -19.31
CA LEU B 475 42.73 -24.45 -17.96
C LEU B 475 41.37 -24.72 -17.34
N PHE B 476 40.51 -23.71 -17.30
CA PHE B 476 39.15 -23.80 -16.75
C PHE B 476 38.10 -23.43 -17.80
N PRO B 477 36.97 -24.18 -17.88
CA PRO B 477 36.66 -25.37 -17.10
C PRO B 477 37.57 -26.56 -17.45
N GLY B 478 38.16 -26.53 -18.63
CA GLY B 478 39.09 -27.57 -19.03
C GLY B 478 38.52 -28.45 -20.13
N SER B 479 39.42 -29.17 -20.81
CA SER B 479 39.00 -30.08 -21.88
C SER B 479 37.93 -31.06 -21.40
N GLY B 480 37.97 -31.40 -20.12
CA GLY B 480 36.96 -32.30 -19.58
C GLY B 480 35.53 -31.87 -19.86
N VAL B 481 35.24 -30.59 -19.67
CA VAL B 481 33.84 -30.12 -19.64
C VAL B 481 33.37 -29.90 -21.06
N VAL B 482 32.71 -30.91 -21.63
CA VAL B 482 32.29 -30.93 -23.02
C VAL B 482 30.79 -30.71 -23.16
N SER B 483 29.99 -31.55 -22.53
CA SER B 483 28.53 -31.48 -22.67
C SER B 483 28.00 -30.23 -21.97
N ASP B 484 26.75 -29.88 -22.29
CA ASP B 484 26.04 -28.86 -21.51
C ASP B 484 25.85 -29.32 -20.08
N ASP B 485 25.39 -30.55 -19.87
CA ASP B 485 25.16 -31.02 -18.51
C ASP B 485 26.41 -30.83 -17.65
N GLN B 486 27.60 -31.01 -18.25
CA GLN B 486 28.84 -30.86 -17.49
C GLN B 486 29.25 -29.39 -17.34
N ILE B 487 28.88 -28.55 -18.32
CA ILE B 487 28.96 -27.11 -18.11
C ILE B 487 28.20 -26.71 -16.85
N ASP B 488 26.94 -27.14 -16.75
CA ASP B 488 26.12 -26.76 -15.61
C ASP B 488 26.76 -27.17 -14.29
N GLU B 489 27.45 -28.33 -14.27
N GLU B 489 27.49 -28.30 -14.28
CA GLU B 489 28.18 -28.73 -13.07
CA GLU B 489 28.17 -28.72 -13.07
C GLU B 489 29.33 -27.78 -12.78
C GLU B 489 29.38 -27.84 -12.76
N TYR B 490 30.20 -27.53 -13.77
CA TYR B 490 31.30 -26.58 -13.57
C TYR B 490 30.80 -25.23 -13.06
N ILE B 491 29.72 -24.73 -13.67
CA ILE B 491 29.14 -23.44 -13.26
C ILE B 491 28.71 -23.50 -11.81
N ARG B 492 28.05 -24.59 -11.42
CA ARG B 492 27.50 -24.68 -10.08
CA ARG B 492 27.50 -24.68 -10.08
C ARG B 492 28.61 -24.73 -9.03
N ARG B 493 29.69 -25.47 -9.32
N ARG B 493 29.68 -25.48 -9.31
CA ARG B 493 30.75 -25.61 -8.33
CA ARG B 493 30.75 -25.63 -8.34
C ARG B 493 31.69 -24.42 -8.29
C ARG B 493 31.68 -24.41 -8.28
N SER B 494 31.67 -23.54 -9.30
CA SER B 494 32.63 -22.45 -9.40
C SER B 494 32.01 -21.05 -9.43
N ILE B 495 30.68 -20.94 -9.47
CA ILE B 495 30.02 -19.64 -9.51
C ILE B 495 30.49 -18.76 -8.36
N HIS B 496 30.74 -17.49 -8.67
CA HIS B 496 31.15 -16.49 -7.69
C HIS B 496 30.33 -15.23 -7.89
N SER B 497 30.43 -14.31 -6.94
CA SER B 497 29.67 -13.08 -7.02
C SER B 497 30.46 -11.98 -7.72
N SER B 498 29.76 -11.22 -8.58
CA SER B 498 30.28 -9.99 -9.13
C SER B 498 30.05 -8.80 -8.22
N ASN B 499 29.50 -9.03 -7.02
CA ASN B 499 29.55 -8.04 -5.96
C ASN B 499 28.74 -6.82 -6.36
N ALA B 500 27.46 -7.06 -6.62
CA ALA B 500 26.49 -6.00 -6.77
C ALA B 500 25.71 -5.87 -5.47
N ILE B 501 24.59 -6.61 -5.37
CA ILE B 501 23.67 -6.71 -4.22
C ILE B 501 22.79 -5.48 -4.10
N THR B 502 21.57 -5.57 -4.67
CA THR B 502 20.55 -4.55 -4.50
C THR B 502 19.18 -5.21 -4.38
N GLY B 503 18.26 -4.51 -3.72
CA GLY B 503 16.85 -4.86 -3.73
C GLY B 503 16.24 -5.12 -2.37
N THR B 504 17.02 -5.14 -1.30
CA THR B 504 16.56 -5.69 -0.04
C THR B 504 15.65 -4.77 0.77
N CYS B 505 15.46 -3.52 0.34
CA CYS B 505 14.49 -2.60 0.96
C CYS B 505 13.75 -1.85 -0.11
N LYS B 506 13.39 -2.57 -1.18
CA LYS B 506 12.77 -2.10 -2.40
C LYS B 506 11.84 -0.91 -2.21
N MET B 507 12.10 0.18 -2.91
CA MET B 507 11.11 1.24 -3.02
C MET B 507 10.01 0.80 -3.98
N GLY B 508 8.81 1.31 -3.76
CA GLY B 508 7.71 0.85 -4.59
C GLY B 508 6.67 1.90 -4.90
N ASN B 509 5.50 1.45 -5.33
CA ASN B 509 4.34 2.31 -5.52
C ASN B 509 3.42 2.20 -4.30
N ALA B 510 2.52 3.17 -4.18
CA ALA B 510 1.59 3.15 -3.05
C ALA B 510 0.76 1.88 -3.09
N GLY B 511 0.52 1.31 -1.90
CA GLY B 511 -0.24 0.10 -1.78
C GLY B 511 0.53 -1.15 -2.11
N ASP B 512 1.72 -1.03 -2.70
CA ASP B 512 2.55 -2.20 -2.97
C ASP B 512 3.01 -2.78 -1.64
N SER B 513 2.48 -3.97 -1.30
CA SER B 513 2.86 -4.66 -0.09
C SER B 513 4.16 -5.44 -0.23
N SER B 514 4.73 -5.46 -1.44
CA SER B 514 6.08 -5.96 -1.68
C SER B 514 7.14 -4.87 -1.58
N SER B 515 6.79 -3.70 -1.05
CA SER B 515 7.64 -2.53 -1.01
C SER B 515 7.98 -2.17 0.43
N VAL B 516 9.24 -1.84 0.68
CA VAL B 516 9.64 -1.46 2.02
C VAL B 516 9.58 0.05 2.22
N VAL B 517 9.86 0.83 1.16
CA VAL B 517 9.84 2.29 1.24
C VAL B 517 9.11 2.84 0.04
N ASP B 518 8.60 4.07 0.20
CA ASP B 518 7.91 4.78 -0.86
C ASP B 518 8.91 5.37 -1.84
N ASN B 519 8.38 5.95 -2.92
CA ASN B 519 9.21 6.57 -3.95
C ASN B 519 9.89 7.84 -3.47
N GLN B 520 9.62 8.27 -2.24
CA GLN B 520 10.39 9.31 -1.57
C GLN B 520 11.36 8.69 -0.58
N LEU B 521 11.57 7.38 -0.68
CA LEU B 521 12.59 6.64 0.07
C LEU B 521 12.32 6.67 1.57
N ARG B 522 11.04 6.70 1.95
CA ARG B 522 10.62 6.73 3.35
C ARG B 522 10.06 5.36 3.76
N VAL B 523 10.61 4.81 4.85
CA VAL B 523 10.19 3.51 5.35
C VAL B 523 8.68 3.48 5.49
N HIS B 524 8.06 2.45 4.94
CA HIS B 524 6.60 2.36 4.93
C HIS B 524 6.06 2.23 6.34
N GLY B 525 5.25 3.21 6.76
CA GLY B 525 4.59 3.13 8.04
C GLY B 525 5.47 3.36 9.24
N VAL B 526 6.60 4.03 9.06
CA VAL B 526 7.42 4.51 10.18
C VAL B 526 7.82 5.94 9.84
N GLU B 527 7.43 6.90 10.69
CA GLU B 527 7.68 8.30 10.38
C GLU B 527 9.15 8.65 10.62
N GLY B 528 9.72 9.35 9.64
CA GLY B 528 11.08 9.83 9.76
C GLY B 528 12.15 8.78 9.60
N LEU B 529 11.85 7.69 8.90
CA LEU B 529 12.82 6.66 8.56
C LEU B 529 12.92 6.58 7.05
N ARG B 530 14.08 6.92 6.50
CA ARG B 530 14.33 6.91 5.08
C ARG B 530 15.53 6.02 4.78
N VAL B 531 15.46 5.26 3.69
CA VAL B 531 16.53 4.36 3.30
C VAL B 531 17.14 4.89 2.00
N VAL B 532 18.43 5.23 2.04
CA VAL B 532 19.18 5.70 0.88
C VAL B 532 20.46 4.88 0.80
N ASP B 533 20.42 3.80 0.04
CA ASP B 533 21.59 3.02 -0.34
C ASP B 533 21.15 2.03 -1.41
N ALA B 534 21.90 0.95 -1.59
CA ALA B 534 21.62 0.03 -2.69
C ALA B 534 20.25 -0.65 -2.55
N SER B 535 19.74 -0.77 -1.32
CA SER B 535 18.60 -1.66 -1.07
CA SER B 535 18.61 -1.66 -1.08
C SER B 535 17.34 -1.23 -1.81
N VAL B 536 17.15 0.07 -2.02
CA VAL B 536 15.86 0.55 -2.55
C VAL B 536 15.72 0.34 -4.05
N VAL B 537 16.70 -0.26 -4.71
CA VAL B 537 16.61 -0.46 -6.15
C VAL B 537 15.61 -1.57 -6.49
N PRO B 538 14.55 -1.27 -7.25
CA PRO B 538 13.59 -2.32 -7.63
C PRO B 538 14.22 -3.43 -8.48
N LYS B 539 14.66 -3.13 -9.71
CA LYS B 539 15.36 -4.08 -10.56
C LYS B 539 16.82 -3.67 -10.72
N ILE B 540 17.69 -4.67 -10.75
CA ILE B 540 19.14 -4.42 -10.83
C ILE B 540 19.49 -4.02 -12.27
N PRO B 541 20.19 -2.90 -12.46
CA PRO B 541 20.52 -2.46 -13.83
C PRO B 541 21.58 -3.37 -14.45
N GLY B 542 21.78 -3.18 -15.75
CA GLY B 542 22.70 -3.98 -16.50
C GLY B 542 24.17 -3.71 -16.23
N GLY B 543 24.63 -3.93 -15.00
CA GLY B 543 26.05 -3.90 -14.73
C GLY B 543 26.33 -3.53 -13.30
N GLN B 544 27.51 -2.93 -13.09
CA GLN B 544 28.02 -2.68 -11.75
C GLN B 544 27.25 -1.53 -11.09
N THR B 545 26.91 -1.74 -9.82
CA THR B 545 25.82 -1.04 -9.13
C THR B 545 26.22 0.29 -8.50
N GLY B 546 27.48 0.69 -8.59
CA GLY B 546 27.94 1.79 -7.77
C GLY B 546 27.48 3.15 -8.25
N ALA B 547 27.74 3.48 -9.52
CA ALA B 547 27.19 4.72 -10.08
C ALA B 547 25.71 4.89 -9.78
N PRO B 548 24.84 3.89 -10.01
CA PRO B 548 23.42 4.08 -9.66
C PRO B 548 23.19 4.45 -8.21
N VAL B 549 23.97 3.87 -7.29
CA VAL B 549 23.82 4.22 -5.88
C VAL B 549 24.22 5.67 -5.65
N VAL B 550 25.26 6.15 -6.34
CA VAL B 550 25.56 7.56 -6.32
C VAL B 550 24.36 8.37 -6.82
N MET B 551 23.75 7.94 -7.94
CA MET B 551 22.65 8.69 -8.50
C MET B 551 21.51 8.82 -7.51
N ILE B 552 21.19 7.72 -6.81
CA ILE B 552 20.10 7.70 -5.84
C ILE B 552 20.39 8.65 -4.69
N ALA B 553 21.66 8.88 -4.40
CA ALA B 553 22.04 9.73 -3.28
C ALA B 553 22.02 11.20 -3.65
N GLU B 554 22.52 11.55 -4.84
CA GLU B 554 22.41 12.93 -5.32
C GLU B 554 20.96 13.35 -5.53
N ARG B 555 20.04 12.40 -5.64
CA ARG B 555 18.63 12.74 -5.74
C ARG B 555 17.96 12.78 -4.36
N ALA B 556 18.26 11.82 -3.48
CA ALA B 556 17.70 11.88 -2.14
C ALA B 556 18.20 13.09 -1.39
N ALA B 557 19.32 13.64 -1.84
CA ALA B 557 19.86 14.85 -1.25
C ALA B 557 19.06 16.08 -1.64
N ALA B 558 18.85 16.29 -2.94
CA ALA B 558 18.16 17.48 -3.40
C ALA B 558 16.69 17.48 -3.03
N LEU B 559 16.07 16.31 -2.96
CA LEU B 559 14.74 16.23 -2.37
C LEU B 559 14.77 16.75 -0.94
N LEU B 560 15.60 16.15 -0.09
CA LEU B 560 15.56 16.41 1.34
C LEU B 560 16.05 17.79 1.72
N THR B 561 16.70 18.50 0.81
CA THR B 561 17.16 19.85 1.06
C THR B 561 16.28 20.88 0.37
N GLY B 562 15.15 20.46 -0.20
CA GLY B 562 14.25 21.34 -0.91
C GLY B 562 14.68 21.72 -2.31
N LYS B 563 15.88 21.32 -2.74
CA LYS B 563 16.32 21.69 -4.09
C LYS B 563 15.40 21.12 -5.15
N ALA B 564 15.33 19.78 -5.24
CA ALA B 564 14.53 19.10 -6.27
C ALA B 564 13.36 18.31 -5.65
N THR B 565 12.58 17.67 -6.52
CA THR B 565 11.29 17.13 -6.13
C THR B 565 10.91 15.92 -6.96
N ILE B 566 10.20 15.00 -6.33
CA ILE B 566 9.61 13.84 -6.99
C ILE B 566 8.10 13.95 -6.91
N GLY B 567 7.42 13.52 -7.98
CA GLY B 567 5.96 13.50 -8.00
C GLY B 567 5.35 14.70 -8.67
PA FAD C . -23.32 -2.18 4.36
O1A FAD C . -24.56 -2.88 4.81
O2A FAD C . -22.71 -1.21 5.30
O5B FAD C . -22.21 -3.27 3.92
C5B FAD C . -20.85 -2.86 3.61
C4B FAD C . -19.87 -3.70 4.41
O4B FAD C . -18.53 -3.48 3.93
C3B FAD C . -19.81 -3.45 5.92
O3B FAD C . -20.16 -4.66 6.59
C2B FAD C . -18.33 -3.11 6.19
O2B FAD C . -17.80 -3.58 7.41
C1B FAD C . -17.66 -3.79 5.01
N9A FAD C . -16.32 -3.30 4.71
C8A FAD C . -15.88 -2.00 4.64
N7A FAD C . -14.60 -1.91 4.36
C5A FAD C . -14.17 -3.23 4.23
C6A FAD C . -12.92 -3.81 3.94
N6A FAD C . -11.82 -3.10 3.71
N1A FAD C . -12.86 -5.16 3.89
C2A FAD C . -13.98 -5.87 4.13
N3A FAD C . -15.19 -5.44 4.41
C4A FAD C . -15.23 -4.10 4.45
N1 FAD C . -32.11 2.00 6.12
C2 FAD C . -33.38 1.57 6.25
O2 FAD C . -33.99 1.10 5.28
N3 FAD C . -34.13 1.86 7.36
C4 FAD C . -33.62 2.54 8.44
O4 FAD C . -34.31 2.71 9.43
C4X FAD C . -32.21 2.82 8.41
N5 FAD C . -31.64 3.31 9.47
C5X FAD C . -30.28 3.39 9.47
C6 FAD C . -29.61 3.73 10.66
C7 FAD C . -28.25 3.64 10.78
C7M FAD C . -27.56 3.88 12.10
C8 FAD C . -27.47 3.37 9.62
C8M FAD C . -25.97 3.35 9.70
C9 FAD C . -28.11 3.22 8.41
C9A FAD C . -29.50 3.11 8.33
N10 FAD C . -30.17 2.77 7.15
C10 FAD C . -31.53 2.51 7.18
C1' FAD C . -29.40 2.55 5.92
C2' FAD C . -29.16 1.09 5.57
O2' FAD C . -28.77 0.34 6.72
C3' FAD C . -28.07 1.10 4.48
O3' FAD C . -28.45 1.97 3.40
C4' FAD C . -27.77 -0.26 3.86
O4' FAD C . -27.68 -1.22 4.92
C5' FAD C . -26.48 -0.23 3.07
O5' FAD C . -26.13 -1.56 2.62
P FAD C . -24.74 -1.79 1.84
O1P FAD C . -24.68 -3.23 1.45
O2P FAD C . -24.66 -0.78 0.75
O3P FAD C . -23.64 -1.48 2.97
C1 STE D . -30.47 8.47 16.21
C2 STE D . -31.28 9.15 15.12
C3 STE D . -32.71 9.49 15.54
C4 STE D . -32.81 10.41 16.75
C5 STE D . -34.15 11.19 16.74
C6 STE D . -34.41 11.81 18.10
C7 STE D . -35.07 10.79 19.01
C8 STE D . -35.36 11.35 20.40
C9 STE D . -35.42 10.19 21.40
C10 STE D . -35.65 10.65 22.83
C11 STE D . -34.86 9.81 23.84
C12 STE D . -34.62 8.39 23.37
C13 STE D . -35.60 7.37 23.91
C14 STE D . -35.04 6.00 23.57
C15 STE D . -36.05 5.05 22.95
C16 STE D . -35.32 3.89 22.27
C17 STE D . -35.77 3.70 20.84
C9 STE E . -31.36 -10.13 28.52
C10 STE E . -31.69 -8.67 28.85
C11 STE E . -31.54 -7.77 27.62
C12 STE E . -31.96 -6.34 27.93
C13 STE E . -31.63 -5.38 26.80
C14 STE E . -32.09 -3.96 27.12
C15 STE E . -31.51 -2.92 26.15
C16 STE E . -32.14 -1.55 26.41
C17 STE E . -31.81 -0.51 25.34
C18 STE E . -31.67 0.90 25.94
PA FAD F . 28.09 0.47 0.98
O1A FAD F . 28.86 1.44 0.15
O2A FAD F . 28.63 -0.92 1.08
O5B FAD F . 27.87 1.08 2.45
C5B FAD F . 27.36 0.35 3.61
C4B FAD F . 28.15 0.80 4.82
O4B FAD F . 27.44 0.51 6.05
C3B FAD F . 29.55 0.17 4.98
O3B FAD F . 30.51 1.19 5.18
C2B FAD F . 29.44 -0.63 6.28
O2B FAD F . 30.68 -0.70 6.95
C1B FAD F . 28.40 0.19 7.03
N9A FAD F . 27.73 -0.60 8.08
C8A FAD F . 27.24 -1.88 7.98
N7A FAD F . 26.68 -2.29 9.10
C5A FAD F . 26.80 -1.21 9.97
C6A FAD F . 26.40 -1.01 11.30
N6A FAD F . 25.75 -1.92 12.03
N1A FAD F . 26.67 0.19 11.86
C2A FAD F . 27.31 1.11 11.13
N3A FAD F . 27.74 1.04 9.88
C4A FAD F . 27.45 -0.17 9.35
N1 FAD F . 30.15 -1.27 -8.30
C2 FAD F . 30.63 -0.58 -9.35
O2 FAD F . 29.95 0.31 -9.86
N3 FAD F . 31.72 -1.02 -10.06
C4 FAD F . 32.42 -2.15 -9.67
O4 FAD F . 33.43 -2.48 -10.29
C4X FAD F . 32.08 -2.74 -8.44
N5 FAD F . 32.81 -3.72 -7.98
C5X FAD F . 32.58 -4.12 -6.69
C6 FAD F . 33.48 -5.02 -6.09
C7 FAD F . 33.34 -5.40 -4.79
C7M FAD F . 34.36 -6.32 -4.16
C8 FAD F . 32.22 -4.96 -4.05
C8M FAD F . 32.04 -5.38 -2.61
C9 FAD F . 31.27 -4.16 -4.66
C9A FAD F . 31.46 -3.66 -5.95
N10 FAD F . 30.59 -2.78 -6.58
C10 FAD F . 30.91 -2.21 -7.79
C1' FAD F . 29.33 -2.39 -5.90
C2' FAD F . 29.35 -1.00 -5.34
O2' FAD F . 30.54 -0.81 -4.59
C3' FAD F . 28.10 -0.93 -4.47
O3' FAD F . 26.94 -1.10 -5.29
C4' FAD F . 27.94 0.36 -3.65
O4' FAD F . 29.19 0.68 -3.02
C5' FAD F . 26.86 0.22 -2.59
O5' FAD F . 26.80 1.46 -1.85
P FAD F . 25.89 1.53 -0.54
O1P FAD F . 26.05 2.89 0.07
O2P FAD F . 24.51 1.08 -0.89
O3P FAD F . 26.60 0.43 0.40
C1 STE G . 36.88 -10.90 -8.64
C2 STE G . 37.46 -10.85 -10.05
C3 STE G . 37.26 -12.17 -10.75
C4 STE G . 38.04 -12.26 -12.07
C5 STE G . 39.07 -13.38 -11.99
C6 STE G . 40.18 -13.13 -12.99
C7 STE G . 41.52 -13.03 -12.28
C8 STE G . 42.45 -12.15 -13.08
C9 STE G . 43.65 -12.93 -13.60
C10 STE G . 44.31 -13.72 -12.47
C11 STE G . 45.31 -12.81 -11.78
C12 STE G . 45.96 -11.86 -12.79
C13 STE G . 46.72 -10.78 -12.06
C14 STE G . 45.87 -9.53 -11.96
C15 STE G . 46.19 -8.74 -10.68
C16 STE G . 46.12 -7.22 -10.84
C17 STE G . 44.75 -6.58 -11.03
C9 STE H . 55.47 1.61 -2.05
C10 STE H . 54.02 1.29 -2.37
C11 STE H . 53.90 -0.06 -3.05
C12 STE H . 52.56 -0.25 -3.73
C13 STE H . 51.80 -1.46 -3.16
C14 STE H . 50.95 -2.09 -4.26
C15 STE H . 50.13 -3.28 -3.80
C16 STE H . 49.15 -3.68 -4.91
C17 STE H . 49.92 -4.21 -6.10
C18 STE H . 49.36 -5.56 -6.52
#